data_3QEK
#
_entry.id   3QEK
#
_cell.length_a   47.323
_cell.length_b   92.813
_cell.length_c   209.978
_cell.angle_alpha   90.00
_cell.angle_beta   90.00
_cell.angle_gamma   90.00
#
_symmetry.space_group_name_H-M   'P 21 21 21'
#
loop_
_entity.id
_entity.type
_entity.pdbx_description
1 polymer 'NMDA glutamate receptor subunit'
2 branched beta-D-mannopyranose-(1-4)-2-acetamido-2-deoxy-beta-D-glucopyranose-(1-4)-2-acetamido-2-deoxy-beta-D-glucopyranose
3 non-polymer 'POTASSIUM ION'
4 non-polymer 2-acetamido-2-deoxy-beta-D-glucopyranose
5 water water
#
_entity_poly.entity_id   1
_entity_poly.type   'polypeptide(L)'
_entity_poly.pdbx_seq_one_letter_code
;SDPKIVNIGAVLSTKKHEQIFREAVNQANKRHFTRKIQLQATSVTHRPNAIQ(MSE)ALSVCEDLISSQVYAILVSHPPA
PTDHLTPTPISYTAGFYRIPVIGLTTR(MSE)SIYSDKSIHLSFLRTVPPYSHQALVWFE(MSE)(MSE)RLFNWNHVIL
IVSDDHEGRAAQKKLETLLEGKESKSKKRNYENLDQLSYDNKRGPKADKVLQFEPGTKNLTALLLEAKELEARVIILSAS
EDDATAVYKSAA(MSE)LD(MSE)TGAGYVWLVGEREISGSALRYAPDGIIGLQLINGKNESAHISDAVAVVAQAIHELF
E(MSE)ENITDPPRGCVGNTNIWKTGPLFKRVL(MSE)SSKYPDGVTGRIEFNEDGDRKFAQYSI(MSE)NLQNRKLVQV
GIFNGSYIIQNDRKIIWPGG
;
_entity_poly.pdbx_strand_id   A,B
#
# COMPACT_ATOMS: atom_id res chain seq x y z
N ASP A 2 -13.75 16.72 34.00
CA ASP A 2 -12.62 15.92 34.49
C ASP A 2 -12.51 14.51 33.89
N PRO A 3 -13.58 14.00 33.25
CA PRO A 3 -13.44 12.67 32.64
C PRO A 3 -12.35 12.71 31.57
N LYS A 4 -11.55 11.65 31.49
CA LYS A 4 -10.55 11.59 30.43
C LYS A 4 -11.25 11.21 29.13
N ILE A 5 -11.08 12.05 28.12
CA ILE A 5 -11.66 11.79 26.81
C ILE A 5 -10.87 10.67 26.11
N VAL A 6 -11.56 9.62 25.70
CA VAL A 6 -10.92 8.52 24.97
C VAL A 6 -11.54 8.40 23.56
N ASN A 7 -10.78 8.84 22.56
CA ASN A 7 -11.28 8.83 21.18
C ASN A 7 -11.15 7.47 20.50
N ILE A 8 -12.23 7.06 19.88
CA ILE A 8 -12.24 5.91 18.98
C ILE A 8 -12.43 6.44 17.54
N GLY A 9 -11.58 5.97 16.62
CA GLY A 9 -11.66 6.40 15.23
C GLY A 9 -12.37 5.42 14.32
N ALA A 10 -12.83 5.91 13.16
CA ALA A 10 -13.44 5.05 12.16
C ALA A 10 -13.30 5.66 10.77
N VAL A 11 -13.15 4.80 9.77
CA VAL A 11 -13.20 5.17 8.36
C VAL A 11 -14.33 4.36 7.79
N LEU A 12 -15.43 5.02 7.44
CA LEU A 12 -16.65 4.28 7.12
C LEU A 12 -17.13 4.68 5.73
N SER A 13 -18.13 3.98 5.21
CA SER A 13 -18.53 4.15 3.83
C SER A 13 -19.34 5.41 3.53
N THR A 14 -20.19 5.86 4.47
CA THR A 14 -21.11 6.97 4.18
C THR A 14 -21.40 7.76 5.45
N LYS A 15 -21.95 8.97 5.30
CA LYS A 15 -22.29 9.80 6.46
C LYS A 15 -23.26 9.08 7.37
N LYS A 16 -24.14 8.28 6.78
CA LYS A 16 -25.12 7.57 7.58
C LYS A 16 -24.45 6.56 8.52
N HIS A 17 -23.39 5.92 8.04
CA HIS A 17 -22.66 4.98 8.91
C HIS A 17 -21.89 5.69 10.01
N GLU A 18 -21.38 6.89 9.74
CA GLU A 18 -20.78 7.68 10.81
C GLU A 18 -21.80 7.97 11.91
N GLN A 19 -23.05 8.19 11.51
CA GLN A 19 -24.13 8.40 12.49
C GLN A 19 -24.34 7.16 13.35
N ILE A 20 -24.36 6.00 12.71
CA ILE A 20 -24.46 4.71 13.41
C ILE A 20 -23.29 4.57 14.37
N PHE A 21 -22.10 4.96 13.91
CA PHE A 21 -20.88 4.95 14.73
C PHE A 21 -21.01 5.83 15.99
N ARG A 22 -21.39 7.10 15.83
CA ARG A 22 -21.64 7.99 16.98
C ARG A 22 -22.66 7.40 17.96
N GLU A 23 -23.76 6.89 17.44
CA GLU A 23 -24.81 6.33 18.29
C GLU A 23 -24.27 5.13 19.10
N ALA A 24 -23.44 4.30 18.46
CA ALA A 24 -22.82 3.17 19.15
C ALA A 24 -21.92 3.62 20.29
N VAL A 25 -21.16 4.69 20.05
CA VAL A 25 -20.24 5.17 21.07
C VAL A 25 -21.06 5.74 22.22
N ASN A 26 -22.15 6.42 21.87
CA ASN A 26 -23.11 6.92 22.86
C ASN A 26 -23.65 5.78 23.72
N GLN A 27 -24.17 4.74 23.07
CA GLN A 27 -24.60 3.53 23.77
C GLN A 27 -23.52 3.02 24.73
N ALA A 28 -22.28 2.95 24.26
CA ALA A 28 -21.17 2.47 25.07
C ALA A 28 -20.96 3.29 26.36
N ASN A 29 -21.03 4.61 26.25
CA ASN A 29 -20.93 5.46 27.42
C ASN A 29 -22.04 5.19 28.45
N LYS A 30 -23.26 4.98 27.94
CA LYS A 30 -24.41 4.65 28.78
C LYS A 30 -24.31 3.25 29.40
N ARG A 31 -23.64 2.34 28.71
CA ARG A 31 -23.50 0.96 29.18
C ARG A 31 -22.55 0.86 30.38
N HIS A 32 -21.50 1.67 30.36
CA HIS A 32 -20.42 1.58 31.35
C HIS A 32 -20.37 2.85 32.22
N PHE A 33 -20.96 2.85 33.41
CA PHE A 33 -20.86 4.05 34.24
C PHE A 33 -19.44 4.31 34.73
N THR A 34 -18.90 5.48 34.39
CA THR A 34 -17.65 5.94 34.98
C THR A 34 -17.50 7.44 34.82
N ARG A 35 -16.75 8.04 35.74
CA ARG A 35 -16.41 9.44 35.64
C ARG A 35 -14.94 9.64 35.28
N LYS A 36 -14.18 8.54 35.23
CA LYS A 36 -12.75 8.58 34.92
C LYS A 36 -12.48 8.78 33.41
N ILE A 37 -13.33 8.21 32.57
CA ILE A 37 -13.15 8.34 31.12
C ILE A 37 -14.48 8.49 30.39
N GLN A 38 -14.43 9.12 29.22
CA GLN A 38 -15.60 9.26 28.40
C GLN A 38 -15.23 8.94 26.95
N LEU A 39 -15.96 8.01 26.35
CA LEU A 39 -15.66 7.62 24.97
C LEU A 39 -16.18 8.67 24.00
N GLN A 40 -15.39 8.97 22.98
CA GLN A 40 -15.73 9.97 21.98
C GLN A 40 -15.56 9.35 20.60
N ALA A 41 -16.38 9.75 19.64
CA ALA A 41 -16.31 9.22 18.29
C ALA A 41 -15.64 10.21 17.35
N THR A 42 -14.70 9.73 16.55
CA THR A 42 -14.04 10.56 15.54
C THR A 42 -13.98 9.75 14.25
N SER A 43 -14.55 10.26 13.16
CA SER A 43 -14.60 9.47 11.93
C SER A 43 -14.45 10.30 10.67
N VAL A 44 -14.21 9.59 9.57
CA VAL A 44 -14.17 10.17 8.23
C VAL A 44 -14.73 9.09 7.34
N THR A 45 -15.07 9.43 6.10
CA THR A 45 -15.38 8.43 5.10
C THR A 45 -14.14 8.22 4.25
N HIS A 46 -14.16 7.22 3.38
CA HIS A 46 -12.98 6.87 2.59
C HIS A 46 -12.59 7.95 1.59
N ARG A 47 -11.30 8.18 1.43
CA ARG A 47 -10.77 9.01 0.36
C ARG A 47 -10.67 8.19 -0.93
N PRO A 48 -10.53 8.86 -2.09
CA PRO A 48 -10.62 8.16 -3.38
C PRO A 48 -9.38 7.33 -3.75
N ASN A 49 -8.25 7.58 -3.11
CA ASN A 49 -7.05 6.80 -3.38
C ASN A 49 -6.21 6.57 -2.14
N ALA A 50 -5.27 5.64 -2.23
CA ALA A 50 -4.45 5.22 -1.09
C ALA A 50 -3.71 6.37 -0.46
N ILE A 51 -3.14 7.24 -1.29
CA ILE A 51 -2.32 8.33 -0.76
C ILE A 51 -3.12 9.28 0.09
N GLN A 52 -4.25 9.75 -0.42
CA GLN A 52 -5.12 10.62 0.35
C GLN A 52 -5.68 9.92 1.60
N ALA A 54 -4.19 7.57 3.46
CA ALA A 54 -3.15 7.52 4.48
C ALA A 54 -2.97 8.90 5.15
N LEU A 55 -2.94 9.94 4.33
CA LEU A 55 -2.81 11.30 4.85
C LEU A 55 -3.99 11.68 5.75
N SER A 56 -5.19 11.26 5.37
CA SER A 56 -6.38 11.54 6.19
C SER A 56 -6.32 10.78 7.51
N VAL A 57 -5.86 9.52 7.47
CA VAL A 57 -5.68 8.81 8.72
C VAL A 57 -4.83 9.66 9.68
N CYS A 58 -3.72 10.18 9.19
CA CYS A 58 -2.88 11.04 10.01
C CYS A 58 -3.55 12.38 10.38
N GLU A 59 -4.08 13.09 9.39
CA GLU A 59 -4.58 14.45 9.64
C GLU A 59 -5.88 14.48 10.42
N ASP A 60 -6.76 13.52 10.18
CA ASP A 60 -8.09 13.51 10.79
C ASP A 60 -8.23 12.60 12.01
N LEU A 61 -7.46 11.52 12.08
CA LEU A 61 -7.71 10.52 13.12
C LEU A 61 -6.59 10.47 14.13
N ILE A 62 -5.37 10.26 13.66
CA ILE A 62 -4.25 10.16 14.61
C ILE A 62 -4.04 11.50 15.33
N SER A 63 -4.34 12.59 14.63
CA SER A 63 -4.24 13.94 15.23
C SER A 63 -5.25 14.17 16.35
N SER A 64 -6.29 13.34 16.39
CA SER A 64 -7.25 13.33 17.51
C SER A 64 -6.97 12.26 18.57
N GLN A 65 -5.80 11.62 18.48
CA GLN A 65 -5.36 10.66 19.52
C GLN A 65 -6.29 9.47 19.69
N VAL A 66 -6.67 8.85 18.59
CA VAL A 66 -7.56 7.71 18.64
C VAL A 66 -6.85 6.51 19.26
N TYR A 67 -7.62 5.66 19.96
CA TYR A 67 -7.11 4.45 20.59
C TYR A 67 -7.25 3.22 19.68
N ALA A 68 -8.08 3.34 18.64
CA ALA A 68 -8.33 2.26 17.69
C ALA A 68 -9.00 2.87 16.48
N ILE A 69 -8.91 2.20 15.34
CA ILE A 69 -9.59 2.68 14.14
C ILE A 69 -10.42 1.57 13.52
N LEU A 70 -11.73 1.74 13.50
CA LEU A 70 -12.61 0.84 12.74
C LEU A 70 -12.52 1.18 11.25
N VAL A 71 -12.52 0.17 10.38
CA VAL A 71 -12.41 0.42 8.93
C VAL A 71 -13.36 -0.48 8.16
N SER A 72 -14.26 0.11 7.39
CA SER A 72 -15.12 -0.72 6.59
C SER A 72 -14.45 -0.90 5.22
N HIS A 73 -14.96 -1.83 4.44
CA HIS A 73 -14.45 -2.03 3.08
C HIS A 73 -15.32 -1.27 2.09
N THR A 82 -8.41 -1.07 -0.61
CA THR A 82 -7.97 -1.82 0.56
C THR A 82 -8.07 -1.01 1.87
N PRO A 83 -8.24 -1.71 2.98
CA PRO A 83 -7.94 -1.08 4.26
C PRO A 83 -6.44 -0.97 4.42
N THR A 84 -5.67 -1.34 3.39
CA THR A 84 -4.20 -1.41 3.48
C THR A 84 -3.54 -0.13 3.97
N PRO A 85 -3.89 1.02 3.36
CA PRO A 85 -3.24 2.27 3.79
C PRO A 85 -3.56 2.58 5.26
N ILE A 86 -4.77 2.26 5.70
CA ILE A 86 -5.18 2.51 7.08
C ILE A 86 -4.43 1.58 8.02
N SER A 87 -4.43 0.30 7.70
CA SER A 87 -3.70 -0.69 8.50
C SER A 87 -2.24 -0.29 8.65
N TYR A 88 -1.57 0.05 7.55
CA TYR A 88 -0.16 0.41 7.61
C TYR A 88 0.09 1.72 8.36
N THR A 89 -0.72 2.72 8.06
CA THR A 89 -0.49 4.07 8.61
C THR A 89 -0.65 4.03 10.13
N ALA A 90 -1.73 3.41 10.60
CA ALA A 90 -1.98 3.24 12.04
C ALA A 90 -1.04 2.20 12.67
N GLY A 91 -0.74 1.11 11.96
CA GLY A 91 0.10 0.04 12.49
C GLY A 91 1.53 0.49 12.77
N PHE A 92 1.99 1.44 11.97
CA PHE A 92 3.26 2.07 12.23
C PHE A 92 3.37 2.47 13.70
N TYR A 93 2.25 2.89 14.29
CA TYR A 93 2.23 3.40 15.68
C TYR A 93 1.70 2.34 16.66
N ARG A 94 1.33 1.18 16.14
CA ARG A 94 0.71 0.11 16.94
C ARG A 94 -0.69 0.47 17.43
N ILE A 95 -1.38 1.32 16.69
CA ILE A 95 -2.78 1.58 16.98
C ILE A 95 -3.59 0.46 16.33
N PRO A 96 -4.37 -0.29 17.13
CA PRO A 96 -5.13 -1.39 16.54
C PRO A 96 -6.10 -0.91 15.46
N VAL A 97 -6.16 -1.65 14.36
CA VAL A 97 -7.09 -1.37 13.29
C VAL A 97 -8.09 -2.52 13.20
N ILE A 98 -9.37 -2.20 13.25
CA ILE A 98 -10.37 -3.24 13.26
C ILE A 98 -11.19 -3.24 11.98
N GLY A 99 -10.96 -4.24 11.14
CA GLY A 99 -11.65 -4.33 9.87
C GLY A 99 -13.07 -4.82 10.08
N LEU A 100 -14.03 -4.17 9.43
CA LEU A 100 -15.43 -4.49 9.65
C LEU A 100 -16.01 -5.41 8.59
N THR A 101 -15.46 -5.34 7.39
CA THR A 101 -16.02 -6.12 6.28
C THR A 101 -15.00 -6.74 5.29
N THR A 102 -13.72 -6.42 5.44
CA THR A 102 -12.70 -6.95 4.54
C THR A 102 -12.42 -8.41 4.79
N ARG A 103 -12.49 -9.22 3.74
CA ARG A 103 -12.34 -10.66 3.86
C ARG A 103 -11.02 -11.17 3.33
N SER A 105 -7.49 -12.68 2.78
CA SER A 105 -6.76 -13.48 3.73
C SER A 105 -5.41 -12.87 4.14
N ILE A 106 -4.85 -12.00 3.29
CA ILE A 106 -3.53 -11.42 3.59
C ILE A 106 -3.49 -10.74 4.98
N TYR A 107 -4.60 -10.15 5.40
CA TYR A 107 -4.59 -9.45 6.68
C TYR A 107 -4.44 -10.41 7.83
N SER A 108 -4.56 -11.71 7.59
CA SER A 108 -4.46 -12.72 8.66
C SER A 108 -3.04 -13.26 8.77
N ASP A 109 -2.19 -12.85 7.86
CA ASP A 109 -0.84 -13.37 7.82
C ASP A 109 -0.09 -13.12 9.11
N LYS A 110 0.71 -14.10 9.51
CA LYS A 110 1.41 -14.01 10.80
C LYS A 110 2.61 -13.07 10.79
N SER A 111 3.01 -12.59 9.61
CA SER A 111 4.24 -11.79 9.53
C SER A 111 4.01 -10.30 9.30
N ILE A 112 2.83 -9.92 8.80
CA ILE A 112 2.56 -8.52 8.44
C ILE A 112 1.15 -8.12 8.90
N HIS A 113 0.85 -6.82 8.83
CA HIS A 113 -0.43 -6.29 9.33
C HIS A 113 -0.66 -6.72 10.76
N LEU A 114 0.38 -6.65 11.58
CA LEU A 114 0.29 -7.16 12.95
C LEU A 114 -0.51 -6.25 13.91
N SER A 115 -0.99 -5.11 13.44
CA SER A 115 -1.90 -4.29 14.26
C SER A 115 -3.38 -4.43 13.86
N PHE A 116 -3.67 -5.41 13.00
CA PHE A 116 -5.01 -5.53 12.40
C PHE A 116 -5.74 -6.73 13.02
N LEU A 117 -7.04 -6.57 13.19
CA LEU A 117 -7.94 -7.68 13.56
C LEU A 117 -9.27 -7.33 12.90
N ARG A 118 -10.24 -8.23 12.95
CA ARG A 118 -11.47 -7.99 12.19
C ARG A 118 -12.67 -8.80 12.68
N THR A 119 -13.85 -8.24 12.47
CA THR A 119 -15.10 -8.88 12.93
C THR A 119 -15.73 -9.83 11.92
N VAL A 120 -15.07 -9.98 10.78
CA VAL A 120 -15.46 -10.99 9.78
C VAL A 120 -14.28 -11.93 9.56
N PRO A 121 -14.55 -13.20 9.17
CA PRO A 121 -13.46 -14.13 8.84
C PRO A 121 -12.88 -13.94 7.44
N PRO A 122 -11.62 -14.33 7.24
CA PRO A 122 -11.02 -14.35 5.90
C PRO A 122 -11.71 -15.40 5.03
N TYR A 123 -11.74 -15.16 3.72
CA TYR A 123 -12.30 -16.11 2.77
C TYR A 123 -11.74 -17.51 2.97
N SER A 124 -10.50 -17.61 3.44
CA SER A 124 -9.88 -18.92 3.62
C SER A 124 -10.67 -19.77 4.61
N HIS A 125 -11.39 -19.12 5.52
CA HIS A 125 -12.14 -19.88 6.54
C HIS A 125 -13.37 -20.60 5.96
N GLN A 126 -13.75 -20.28 4.73
CA GLN A 126 -14.84 -21.02 4.08
C GLN A 126 -14.55 -22.52 4.03
N ALA A 127 -13.26 -22.86 4.09
CA ALA A 127 -12.83 -24.27 4.12
C ALA A 127 -13.43 -25.08 5.27
N LEU A 128 -13.72 -24.44 6.40
CA LEU A 128 -14.41 -25.11 7.50
C LEU A 128 -15.76 -25.65 7.02
N VAL A 129 -16.47 -24.83 6.27
CA VAL A 129 -17.80 -25.20 5.80
C VAL A 129 -17.71 -26.30 4.74
N TRP A 130 -16.74 -26.18 3.84
CA TRP A 130 -16.52 -27.19 2.80
C TRP A 130 -16.28 -28.55 3.47
N PHE A 131 -15.53 -28.51 4.55
CA PHE A 131 -15.17 -29.71 5.29
C PHE A 131 -16.43 -30.38 5.84
N GLU A 132 -17.26 -29.60 6.52
CA GLU A 132 -18.51 -30.14 7.04
C GLU A 132 -19.44 -30.64 5.93
N ARG A 135 -18.25 -34.00 4.93
CA ARG A 135 -18.63 -34.98 5.94
C ARG A 135 -20.11 -35.35 5.78
N LEU A 136 -20.96 -34.34 5.67
CA LEU A 136 -22.40 -34.54 5.61
C LEU A 136 -22.84 -35.37 4.40
N PHE A 137 -22.26 -35.09 3.23
CA PHE A 137 -22.63 -35.78 2.00
C PHE A 137 -21.63 -36.86 1.61
N ASN A 138 -20.78 -37.26 2.55
CA ASN A 138 -19.83 -38.33 2.31
C ASN A 138 -19.06 -38.17 1.01
N TRP A 139 -18.60 -36.94 0.75
CA TRP A 139 -17.66 -36.72 -0.33
C TRP A 139 -16.28 -37.01 0.22
N ASN A 140 -15.78 -38.19 -0.11
CA ASN A 140 -14.51 -38.64 0.43
C ASN A 140 -13.39 -38.42 -0.57
N HIS A 141 -13.73 -37.94 -1.75
CA HIS A 141 -12.72 -37.66 -2.77
C HIS A 141 -13.05 -36.37 -3.52
N VAL A 142 -12.17 -35.37 -3.38
CA VAL A 142 -12.41 -34.09 -4.01
C VAL A 142 -11.21 -33.59 -4.81
N ILE A 143 -11.49 -32.72 -5.77
CA ILE A 143 -10.47 -32.02 -6.54
C ILE A 143 -10.55 -30.55 -6.17
N LEU A 144 -9.42 -29.98 -5.78
CA LEU A 144 -9.37 -28.59 -5.36
C LEU A 144 -8.67 -27.76 -6.41
N ILE A 145 -9.38 -26.76 -6.92
CA ILE A 145 -8.80 -25.84 -7.88
C ILE A 145 -8.70 -24.49 -7.21
N VAL A 146 -7.48 -23.96 -7.11
CA VAL A 146 -7.28 -22.66 -6.46
C VAL A 146 -6.47 -21.75 -7.37
N SER A 147 -6.73 -20.44 -7.26
CA SER A 147 -5.92 -19.46 -7.96
C SER A 147 -4.52 -19.50 -7.34
N ASP A 148 -3.48 -19.37 -8.16
CA ASP A 148 -2.11 -19.39 -7.66
C ASP A 148 -1.73 -17.99 -7.19
N ASP A 149 -2.39 -17.55 -6.11
CA ASP A 149 -2.07 -16.27 -5.48
C ASP A 149 -2.26 -16.44 -3.98
N HIS A 150 -2.12 -15.36 -3.22
CA HIS A 150 -2.15 -15.53 -1.78
C HIS A 150 -3.48 -16.11 -1.31
N GLU A 151 -4.57 -15.59 -1.86
CA GLU A 151 -5.91 -16.00 -1.46
C GLU A 151 -6.17 -17.49 -1.79
N GLY A 152 -5.85 -17.86 -3.03
CA GLY A 152 -6.01 -19.24 -3.48
C GLY A 152 -5.24 -20.18 -2.57
N ARG A 153 -3.99 -19.84 -2.30
CA ARG A 153 -3.17 -20.72 -1.47
C ARG A 153 -3.59 -20.75 -0.01
N ALA A 154 -4.13 -19.65 0.52
CA ALA A 154 -4.63 -19.68 1.89
C ALA A 154 -5.82 -20.64 2.02
N ALA A 155 -6.68 -20.65 1.01
CA ALA A 155 -7.81 -21.58 1.01
C ALA A 155 -7.30 -23.04 1.00
N GLN A 156 -6.34 -23.32 0.14
CA GLN A 156 -5.70 -24.64 0.06
C GLN A 156 -5.11 -25.05 1.41
N LYS A 157 -4.26 -24.20 1.95
CA LYS A 157 -3.61 -24.48 3.22
C LYS A 157 -4.65 -24.76 4.30
N LYS A 158 -5.72 -23.98 4.33
CA LYS A 158 -6.76 -24.19 5.34
C LYS A 158 -7.49 -25.53 5.16
N LEU A 159 -7.87 -25.88 3.93
CA LEU A 159 -8.58 -27.14 3.71
C LEU A 159 -7.71 -28.36 4.04
N GLU A 160 -6.45 -28.32 3.63
CA GLU A 160 -5.51 -29.43 3.90
C GLU A 160 -5.31 -29.66 5.40
N THR A 161 -5.15 -28.57 6.15
CA THR A 161 -5.06 -28.65 7.60
C THR A 161 -6.26 -29.36 8.21
N LEU A 162 -7.45 -29.05 7.71
CA LEU A 162 -8.65 -29.72 8.21
C LEU A 162 -8.65 -31.20 7.84
N LEU A 163 -8.13 -31.52 6.66
CA LEU A 163 -8.10 -32.91 6.20
C LEU A 163 -7.02 -33.73 6.93
N GLU A 164 -5.88 -33.09 7.21
CA GLU A 164 -4.79 -33.73 7.94
C GLU A 164 -4.92 -33.53 9.45
N ASP A 179 -14.58 -51.09 23.04
CA ASP A 179 -14.43 -52.54 23.02
C ASP A 179 -15.77 -53.24 22.74
N GLN A 180 -16.84 -52.74 23.36
CA GLN A 180 -18.18 -53.24 23.08
C GLN A 180 -18.83 -52.39 21.99
N LEU A 181 -18.16 -51.30 21.62
CA LEU A 181 -18.66 -50.40 20.59
C LEU A 181 -17.89 -50.55 19.27
N SER A 182 -18.62 -50.81 18.18
CA SER A 182 -18.00 -50.97 16.86
C SER A 182 -17.79 -49.63 16.14
N TYR A 183 -16.77 -49.59 15.28
CA TYR A 183 -16.49 -48.41 14.46
C TYR A 183 -16.33 -48.77 12.99
N ASP A 184 -16.89 -47.94 12.10
CA ASP A 184 -16.63 -48.11 10.67
C ASP A 184 -15.17 -47.81 10.35
N ASN A 185 -14.59 -46.83 11.04
CA ASN A 185 -13.21 -46.42 10.84
C ASN A 185 -12.87 -46.15 9.37
N LYS A 186 -13.80 -45.52 8.66
CA LYS A 186 -13.60 -45.24 7.24
C LYS A 186 -12.49 -44.22 7.03
N ARG A 187 -11.63 -44.47 6.06
CA ARG A 187 -10.59 -43.52 5.70
C ARG A 187 -11.22 -42.16 5.46
N GLY A 188 -10.66 -41.12 6.08
CA GLY A 188 -11.24 -39.79 6.01
C GLY A 188 -11.29 -39.22 4.62
N PRO A 189 -12.04 -38.12 4.44
CA PRO A 189 -12.07 -37.41 3.16
C PRO A 189 -10.67 -37.01 2.73
N LYS A 190 -10.47 -36.82 1.43
CA LYS A 190 -9.14 -36.68 0.87
C LYS A 190 -9.19 -35.84 -0.41
N ALA A 191 -8.13 -35.08 -0.66
CA ALA A 191 -8.06 -34.32 -1.91
C ALA A 191 -7.13 -35.03 -2.88
N ASP A 192 -7.73 -35.76 -3.82
CA ASP A 192 -6.96 -36.54 -4.78
C ASP A 192 -5.94 -35.69 -5.53
N LYS A 193 -6.18 -34.38 -5.58
CA LYS A 193 -5.32 -33.50 -6.36
C LYS A 193 -5.66 -32.04 -6.11
N VAL A 194 -4.63 -31.20 -6.04
CA VAL A 194 -4.82 -29.77 -6.00
C VAL A 194 -4.25 -29.18 -7.28
N LEU A 195 -5.10 -28.47 -8.02
CA LEU A 195 -4.67 -27.84 -9.25
C LEU A 195 -4.65 -26.32 -9.06
N GLN A 196 -3.61 -25.66 -9.55
CA GLN A 196 -3.46 -24.22 -9.39
C GLN A 196 -3.39 -23.57 -10.76
N PHE A 197 -3.92 -22.36 -10.87
CA PHE A 197 -3.83 -21.64 -12.14
C PHE A 197 -3.36 -20.21 -11.94
N GLU A 198 -2.72 -19.65 -12.95
CA GLU A 198 -2.25 -18.27 -12.88
C GLU A 198 -3.45 -17.34 -12.93
N PRO A 199 -3.56 -16.43 -11.95
CA PRO A 199 -4.66 -15.46 -11.95
C PRO A 199 -4.68 -14.68 -13.25
N GLY A 200 -5.86 -14.46 -13.80
CA GLY A 200 -6.02 -13.66 -15.01
C GLY A 200 -5.96 -14.44 -16.31
N THR A 201 -5.66 -15.73 -16.23
CA THR A 201 -5.63 -16.58 -17.41
C THR A 201 -7.03 -16.79 -17.96
N LYS A 202 -7.22 -16.49 -19.24
CA LYS A 202 -8.55 -16.50 -19.84
C LYS A 202 -8.97 -17.88 -20.33
N ASN A 203 -8.00 -18.72 -20.66
CA ASN A 203 -8.29 -20.06 -21.18
C ASN A 203 -7.70 -21.14 -20.28
N LEU A 204 -8.57 -21.84 -19.56
CA LEU A 204 -8.17 -22.83 -18.57
C LEU A 204 -8.48 -24.27 -18.97
N THR A 205 -8.62 -24.51 -20.28
CA THR A 205 -8.96 -25.83 -20.81
C THR A 205 -8.03 -26.93 -20.32
N ALA A 206 -6.73 -26.69 -20.40
CA ALA A 206 -5.74 -27.70 -20.01
C ALA A 206 -5.91 -28.12 -18.56
N LEU A 207 -6.19 -27.15 -17.69
CA LEU A 207 -6.37 -27.42 -16.28
C LEU A 207 -7.60 -28.25 -16.04
N LEU A 208 -8.72 -27.83 -16.63
CA LEU A 208 -9.97 -28.57 -16.49
C LEU A 208 -9.86 -30.00 -17.04
N LEU A 209 -9.14 -30.17 -18.16
CA LEU A 209 -8.97 -31.51 -18.72
C LEU A 209 -8.16 -32.38 -17.76
N GLU A 210 -7.15 -31.78 -17.16
CA GLU A 210 -6.36 -32.49 -16.17
C GLU A 210 -7.26 -33.01 -15.07
N ALA A 211 -8.22 -32.20 -14.66
CA ALA A 211 -9.19 -32.60 -13.65
C ALA A 211 -10.12 -33.68 -14.19
N LYS A 212 -10.47 -33.56 -15.47
CA LYS A 212 -11.39 -34.51 -16.09
C LYS A 212 -10.79 -35.91 -16.10
N GLU A 213 -9.48 -35.98 -16.34
CA GLU A 213 -8.74 -37.25 -16.32
C GLU A 213 -8.82 -37.96 -14.97
N LEU A 214 -9.21 -37.23 -13.93
CA LEU A 214 -9.25 -37.78 -12.59
C LEU A 214 -10.57 -38.46 -12.27
N GLU A 215 -10.52 -39.37 -11.31
CA GLU A 215 -11.70 -40.11 -10.86
C GLU A 215 -12.73 -39.16 -10.26
N ALA A 216 -12.40 -38.60 -9.10
CA ALA A 216 -13.30 -37.73 -8.34
C ALA A 216 -14.10 -36.73 -9.18
N ARG A 217 -15.35 -36.52 -8.78
CA ARG A 217 -16.24 -35.63 -9.50
C ARG A 217 -16.73 -34.49 -8.61
N VAL A 218 -16.13 -34.35 -7.43
CA VAL A 218 -16.43 -33.21 -6.57
C VAL A 218 -15.33 -32.16 -6.74
N ILE A 219 -15.71 -31.00 -7.25
CA ILE A 219 -14.75 -29.95 -7.55
C ILE A 219 -14.96 -28.80 -6.59
N ILE A 220 -13.90 -28.41 -5.90
CA ILE A 220 -13.93 -27.24 -5.04
C ILE A 220 -13.09 -26.14 -5.66
N LEU A 221 -13.59 -24.91 -5.62
CA LEU A 221 -12.92 -23.81 -6.29
C LEU A 221 -12.65 -22.62 -5.35
N SER A 222 -11.41 -22.12 -5.39
CA SER A 222 -11.08 -20.83 -4.80
C SER A 222 -10.54 -19.93 -5.88
N ALA A 223 -11.30 -18.88 -6.19
CA ALA A 223 -10.90 -17.99 -7.27
C ALA A 223 -11.64 -16.67 -7.13
N SER A 224 -11.07 -15.63 -7.70
CA SER A 224 -11.74 -14.33 -7.72
C SER A 224 -13.00 -14.43 -8.59
N GLU A 225 -13.84 -13.41 -8.52
CA GLU A 225 -15.03 -13.28 -9.33
C GLU A 225 -14.66 -13.44 -10.80
N ASP A 226 -13.65 -12.69 -11.21
CA ASP A 226 -13.20 -12.71 -12.60
C ASP A 226 -12.65 -14.07 -13.01
N ASP A 227 -11.81 -14.66 -12.17
CA ASP A 227 -11.23 -15.95 -12.52
C ASP A 227 -12.24 -17.10 -12.47
N ALA A 228 -13.25 -16.98 -11.61
CA ALA A 228 -14.29 -18.01 -11.53
C ALA A 228 -14.98 -18.18 -12.89
N THR A 229 -15.27 -17.07 -13.57
CA THR A 229 -15.87 -17.11 -14.90
C THR A 229 -15.03 -17.95 -15.85
N ALA A 230 -13.72 -17.72 -15.87
CA ALA A 230 -12.83 -18.50 -16.72
C ALA A 230 -12.95 -20.01 -16.45
N VAL A 231 -12.97 -20.37 -15.18
CA VAL A 231 -13.13 -21.77 -14.77
C VAL A 231 -14.46 -22.32 -15.28
N TYR A 232 -15.55 -21.60 -15.00
CA TYR A 232 -16.90 -22.04 -15.37
C TYR A 232 -17.05 -22.24 -16.88
N LYS A 233 -16.48 -21.34 -17.67
CA LYS A 233 -16.60 -21.44 -19.12
C LYS A 233 -15.87 -22.66 -19.65
N SER A 234 -14.68 -22.94 -19.10
CA SER A 234 -13.91 -24.13 -19.48
C SER A 234 -14.58 -25.43 -19.07
N ALA A 235 -15.16 -25.43 -17.88
CA ALA A 235 -15.88 -26.61 -17.40
C ALA A 235 -17.10 -26.90 -18.29
N ALA A 236 -17.78 -25.84 -18.71
CA ALA A 236 -18.92 -25.96 -19.62
C ALA A 236 -18.49 -26.58 -20.96
N LEU A 238 -16.07 -28.40 -21.59
CA LEU A 238 -15.64 -29.78 -21.41
C LEU A 238 -16.75 -30.66 -20.85
N ASP A 239 -17.96 -30.14 -20.80
CA ASP A 239 -19.13 -30.92 -20.36
C ASP A 239 -18.95 -31.47 -18.94
N THR A 241 -20.20 -29.91 -16.06
CA THR A 241 -21.12 -29.27 -15.12
C THR A 241 -22.45 -29.99 -15.05
N GLY A 242 -22.49 -31.20 -15.58
CA GLY A 242 -23.71 -31.97 -15.68
C GLY A 242 -23.84 -33.03 -14.60
N ALA A 243 -24.67 -34.03 -14.87
CA ALA A 243 -24.96 -35.07 -13.90
C ALA A 243 -23.70 -35.82 -13.46
N GLY A 244 -23.66 -36.18 -12.18
CA GLY A 244 -22.47 -36.79 -11.63
C GLY A 244 -21.54 -35.82 -10.93
N TYR A 245 -21.38 -34.61 -11.48
CA TYR A 245 -20.47 -33.62 -10.88
C TYR A 245 -21.08 -32.81 -9.73
N VAL A 246 -20.21 -32.39 -8.82
CA VAL A 246 -20.59 -31.49 -7.75
C VAL A 246 -19.62 -30.30 -7.75
N TRP A 247 -20.17 -29.09 -7.80
CA TRP A 247 -19.36 -27.87 -7.72
C TRP A 247 -19.60 -27.19 -6.39
N LEU A 248 -18.52 -27.00 -5.64
CA LEU A 248 -18.58 -26.42 -4.31
C LEU A 248 -17.59 -25.25 -4.27
N VAL A 249 -18.11 -24.06 -3.95
CA VAL A 249 -17.31 -22.84 -4.02
C VAL A 249 -17.55 -21.95 -2.80
N GLY A 250 -16.92 -20.78 -2.79
CA GLY A 250 -17.15 -19.84 -1.71
C GLY A 250 -18.10 -18.73 -2.12
N GLU A 251 -17.84 -17.51 -1.64
CA GLU A 251 -18.74 -16.40 -1.91
C GLU A 251 -18.37 -15.62 -3.18
N ARG A 252 -17.07 -15.35 -3.38
CA ARG A 252 -16.63 -14.60 -4.56
C ARG A 252 -17.07 -15.30 -5.85
N GLU A 253 -17.03 -16.63 -5.82
CA GLU A 253 -17.29 -17.46 -7.00
C GLU A 253 -18.78 -17.57 -7.36
N ILE A 254 -19.64 -16.97 -6.54
CA ILE A 254 -21.04 -16.85 -6.90
C ILE A 254 -21.50 -15.39 -6.78
N SER A 255 -20.56 -14.47 -6.88
CA SER A 255 -20.89 -13.05 -6.73
C SER A 255 -20.74 -12.32 -8.05
N GLY A 256 -21.60 -11.34 -8.28
CA GLY A 256 -21.49 -10.47 -9.45
C GLY A 256 -21.37 -11.23 -10.74
N SER A 257 -20.29 -10.96 -11.48
CA SER A 257 -20.11 -11.49 -12.83
C SER A 257 -19.86 -12.99 -12.86
N ALA A 258 -19.48 -13.56 -11.72
CA ALA A 258 -19.17 -14.99 -11.66
C ALA A 258 -20.44 -15.83 -11.83
N LEU A 259 -21.58 -15.19 -11.59
CA LEU A 259 -22.85 -15.91 -11.66
C LEU A 259 -23.27 -16.16 -13.10
N ARG A 260 -22.73 -15.38 -14.03
CA ARG A 260 -23.14 -15.47 -15.44
C ARG A 260 -22.98 -16.89 -15.99
N TYR A 261 -21.83 -17.51 -15.74
CA TYR A 261 -21.58 -18.84 -16.26
C TYR A 261 -21.55 -19.90 -15.17
N ALA A 262 -21.93 -19.53 -13.95
CA ALA A 262 -21.98 -20.50 -12.86
C ALA A 262 -22.92 -21.62 -13.27
N PRO A 263 -22.47 -22.88 -13.11
CA PRO A 263 -23.33 -24.02 -13.51
C PRO A 263 -24.55 -24.16 -12.62
N ASP A 264 -25.70 -24.52 -13.20
CA ASP A 264 -26.89 -24.82 -12.40
C ASP A 264 -26.48 -25.89 -11.42
N GLY A 265 -27.06 -25.88 -10.24
CA GLY A 265 -26.76 -26.87 -9.22
C GLY A 265 -25.51 -26.58 -8.39
N ILE A 266 -24.73 -25.57 -8.78
CA ILE A 266 -23.55 -25.22 -7.97
C ILE A 266 -23.94 -24.90 -6.53
N ILE A 267 -23.03 -25.17 -5.60
CA ILE A 267 -23.19 -24.80 -4.19
C ILE A 267 -22.11 -23.78 -3.78
N GLY A 268 -22.52 -22.60 -3.34
CA GLY A 268 -21.62 -21.58 -2.80
C GLY A 268 -22.06 -21.11 -1.41
N LEU A 269 -21.43 -20.03 -0.94
CA LEU A 269 -21.62 -19.57 0.44
C LEU A 269 -21.82 -18.07 0.49
N GLN A 270 -22.59 -17.60 1.45
CA GLN A 270 -22.61 -16.17 1.74
C GLN A 270 -22.48 -15.97 3.24
N LEU A 271 -21.49 -15.17 3.64
CA LEU A 271 -21.24 -14.90 5.04
C LEU A 271 -22.43 -14.11 5.59
N ILE A 272 -23.10 -14.66 6.58
CA ILE A 272 -24.26 -13.99 7.17
C ILE A 272 -23.83 -12.73 7.89
N ASN A 273 -24.51 -11.62 7.56
CA ASN A 273 -24.17 -10.27 8.05
C ASN A 273 -22.88 -9.71 7.46
N GLY A 274 -22.29 -10.44 6.52
CA GLY A 274 -20.96 -10.09 6.02
C GLY A 274 -20.89 -8.72 5.37
N LYS A 275 -22.00 -8.26 4.81
CA LYS A 275 -21.99 -6.94 4.18
C LYS A 275 -22.79 -5.93 5.00
N ASN A 276 -23.17 -6.32 6.20
CA ASN A 276 -23.93 -5.42 7.06
C ASN A 276 -23.02 -4.50 7.88
N GLU A 277 -22.58 -3.41 7.26
CA GLU A 277 -21.63 -2.50 7.90
C GLU A 277 -22.20 -1.95 9.19
N SER A 278 -23.49 -1.68 9.19
CA SER A 278 -24.13 -1.08 10.36
C SER A 278 -24.01 -2.00 11.58
N ALA A 279 -24.32 -3.28 11.36
CA ALA A 279 -24.20 -4.28 12.42
C ALA A 279 -22.78 -4.44 12.95
N HIS A 280 -21.81 -4.43 12.04
CA HIS A 280 -20.41 -4.60 12.44
C HIS A 280 -19.88 -3.37 13.17
N ILE A 281 -20.35 -2.19 12.79
CA ILE A 281 -19.97 -0.99 13.53
C ILE A 281 -20.43 -1.10 14.99
N SER A 282 -21.66 -1.55 15.19
CA SER A 282 -22.21 -1.66 16.54
C SER A 282 -21.42 -2.66 17.36
N ASP A 283 -21.20 -3.85 16.80
CA ASP A 283 -20.44 -4.87 17.51
C ASP A 283 -18.99 -4.47 17.77
N ALA A 284 -18.33 -3.89 16.77
CA ALA A 284 -16.94 -3.45 16.97
C ALA A 284 -16.82 -2.37 18.04
N VAL A 285 -17.76 -1.42 18.08
CA VAL A 285 -17.71 -0.38 19.11
C VAL A 285 -17.88 -1.03 20.49
N ALA A 286 -18.80 -2.00 20.57
CA ALA A 286 -19.08 -2.66 21.85
C ALA A 286 -17.83 -3.37 22.37
N VAL A 287 -17.15 -4.09 21.48
CA VAL A 287 -15.91 -4.76 21.81
C VAL A 287 -14.83 -3.79 22.22
N VAL A 288 -14.67 -2.70 21.45
CA VAL A 288 -13.65 -1.71 21.75
C VAL A 288 -13.89 -1.02 23.10
N ALA A 289 -15.13 -0.64 23.36
CA ALA A 289 -15.46 0.02 24.64
C ALA A 289 -15.13 -0.91 25.79
N GLN A 290 -15.57 -2.15 25.70
CA GLN A 290 -15.29 -3.13 26.77
C GLN A 290 -13.80 -3.27 27.02
N ALA A 291 -13.03 -3.42 25.95
CA ALA A 291 -11.56 -3.54 26.07
C ALA A 291 -10.92 -2.27 26.61
N ILE A 292 -11.48 -1.11 26.28
CA ILE A 292 -10.92 0.13 26.78
C ILE A 292 -11.09 0.24 28.30
N HIS A 293 -12.26 -0.14 28.80
CA HIS A 293 -12.48 -0.13 30.26
C HIS A 293 -11.54 -1.09 30.97
N GLU A 294 -11.34 -2.28 30.40
CA GLU A 294 -10.36 -3.20 30.99
C GLU A 294 -8.97 -2.62 30.95
N LEU A 295 -8.61 -2.01 29.83
CA LEU A 295 -7.29 -1.41 29.71
C LEU A 295 -7.04 -0.37 30.81
N PHE A 296 -8.06 0.44 31.11
CA PHE A 296 -7.86 1.53 32.06
C PHE A 296 -7.85 1.10 33.53
N GLU A 297 -8.11 -0.18 33.80
CA GLU A 297 -7.88 -0.71 35.16
C GLU A 297 -6.41 -1.06 35.36
N GLU A 299 -2.21 -0.44 35.29
CA GLU A 299 -1.31 0.64 35.64
C GLU A 299 -0.33 0.89 34.52
N ASN A 300 0.19 2.11 34.46
CA ASN A 300 1.21 2.48 33.49
C ASN A 300 0.72 2.44 32.03
N ILE A 301 -0.57 2.75 31.84
CA ILE A 301 -1.11 2.92 30.48
C ILE A 301 -0.60 4.26 29.95
N THR A 302 -0.33 4.36 28.64
CA THR A 302 0.11 5.63 28.06
C THR A 302 -0.90 6.09 27.01
N ASP A 303 -0.90 7.38 26.70
CA ASP A 303 -1.81 7.92 25.68
C ASP A 303 -1.28 7.60 24.28
N PRO A 304 -2.20 7.40 23.33
CA PRO A 304 -1.79 7.16 21.95
C PRO A 304 -1.11 8.41 21.39
N PRO A 305 -0.45 8.29 20.23
CA PRO A 305 0.20 9.43 19.57
C PRO A 305 -0.81 10.54 19.28
N ARG A 306 -0.38 11.79 19.36
CA ARG A 306 -1.16 12.93 18.94
C ARG A 306 -0.50 13.44 17.66
N GLY A 307 -0.89 12.90 16.52
CA GLY A 307 -0.34 13.36 15.26
C GLY A 307 0.81 12.53 14.74
N CYS A 308 1.07 12.65 13.45
CA CYS A 308 2.11 11.86 12.80
C CYS A 308 3.37 12.69 12.57
N VAL A 309 3.21 13.98 12.32
CA VAL A 309 4.31 14.84 11.86
C VAL A 309 5.53 14.72 12.75
N GLY A 310 6.65 14.29 12.16
CA GLY A 310 7.88 14.10 12.90
C GLY A 310 7.74 13.22 14.15
N ASN A 311 6.82 12.26 14.10
CA ASN A 311 6.62 11.41 15.26
C ASN A 311 6.94 9.96 14.88
N THR A 312 8.10 9.47 15.33
CA THR A 312 8.52 8.10 15.03
C THR A 312 8.37 7.18 16.23
N ASN A 313 7.82 7.70 17.33
CA ASN A 313 7.56 6.88 18.52
C ASN A 313 6.37 5.93 18.31
N ILE A 314 6.43 4.70 18.82
CA ILE A 314 5.20 3.90 18.84
C ILE A 314 4.32 4.31 20.01
N TRP A 315 3.05 3.96 19.94
CA TRP A 315 2.22 3.96 21.13
C TRP A 315 2.66 2.80 22.04
N LYS A 316 3.32 3.13 23.14
CA LYS A 316 3.91 2.10 23.98
C LYS A 316 2.91 1.06 24.44
N THR A 317 1.69 1.50 24.71
CA THR A 317 0.62 0.62 25.19
C THR A 317 -0.13 -0.02 24.01
N GLY A 318 0.18 0.40 22.79
CA GLY A 318 -0.51 -0.13 21.63
C GLY A 318 -0.55 -1.67 21.57
N PRO A 319 0.62 -2.31 21.66
CA PRO A 319 0.61 -3.77 21.56
C PRO A 319 -0.21 -4.45 22.67
N LEU A 320 -0.12 -3.97 23.90
CA LEU A 320 -0.94 -4.51 25.00
C LEU A 320 -2.42 -4.35 24.70
N PHE A 321 -2.81 -3.16 24.23
CA PHE A 321 -4.23 -2.91 23.97
C PHE A 321 -4.73 -3.87 22.90
N LYS A 322 -3.91 -4.13 21.88
CA LYS A 322 -4.33 -5.09 20.88
C LYS A 322 -4.54 -6.48 21.49
N ARG A 323 -3.65 -6.89 22.39
CA ARG A 323 -3.82 -8.19 23.08
C ARG A 323 -5.12 -8.21 23.88
N VAL A 324 -5.44 -7.10 24.55
CA VAL A 324 -6.68 -7.02 25.32
C VAL A 324 -7.89 -7.19 24.40
N LEU A 325 -7.87 -6.45 23.30
CA LEU A 325 -8.92 -6.49 22.29
C LEU A 325 -9.11 -7.90 21.72
N SER A 327 -8.19 -10.85 22.86
CA SER A 327 -8.56 -11.86 23.83
C SER A 327 -9.91 -11.54 24.47
N SER A 328 -10.57 -10.47 24.01
CA SER A 328 -11.85 -10.08 24.60
C SER A 328 -13.03 -10.92 24.04
N LYS A 329 -14.14 -10.92 24.78
CA LYS A 329 -15.34 -11.69 24.43
C LYS A 329 -16.59 -10.85 24.65
N TYR A 330 -17.42 -10.76 23.62
CA TYR A 330 -18.67 -10.01 23.70
C TYR A 330 -19.82 -10.88 23.22
N PRO A 331 -20.46 -11.59 24.15
CA PRO A 331 -21.52 -12.58 23.85
C PRO A 331 -22.75 -12.03 23.11
N ASP A 332 -23.11 -10.78 23.37
CA ASP A 332 -24.37 -10.24 22.87
C ASP A 332 -24.23 -9.41 21.59
N GLY A 333 -23.33 -9.79 20.70
CA GLY A 333 -23.20 -9.03 19.46
C GLY A 333 -24.43 -9.16 18.57
N VAL A 334 -24.76 -8.13 17.82
CA VAL A 334 -25.86 -8.27 16.87
C VAL A 334 -25.50 -9.24 15.73
N THR A 335 -24.21 -9.48 15.52
CA THR A 335 -23.78 -10.46 14.53
C THR A 335 -23.47 -11.82 15.18
N GLY A 336 -23.87 -11.99 16.42
CA GLY A 336 -23.63 -13.24 17.14
C GLY A 336 -22.58 -13.08 18.23
N ARG A 337 -22.14 -14.19 18.81
CA ARG A 337 -21.07 -14.13 19.80
C ARG A 337 -19.80 -13.61 19.12
N ILE A 338 -19.07 -12.75 19.82
CA ILE A 338 -17.85 -12.18 19.27
C ILE A 338 -16.63 -12.69 20.00
N GLU A 339 -15.73 -13.30 19.23
CA GLU A 339 -14.45 -13.75 19.74
C GLU A 339 -13.50 -13.72 18.56
N PHE A 340 -12.21 -13.52 18.83
CA PHE A 340 -11.19 -13.48 17.79
C PHE A 340 -10.19 -14.62 18.01
N ASN A 341 -9.65 -15.17 16.93
CA ASN A 341 -8.63 -16.20 17.07
C ASN A 341 -7.25 -15.57 17.16
N GLU A 342 -6.21 -16.38 17.20
CA GLU A 342 -4.85 -15.88 17.44
C GLU A 342 -4.34 -14.97 16.31
N ASP A 343 -4.99 -15.02 15.15
CA ASP A 343 -4.56 -14.16 14.03
C ASP A 343 -5.38 -12.87 13.96
N GLY A 344 -6.30 -12.69 14.92
CA GLY A 344 -7.18 -11.53 14.96
C GLY A 344 -8.42 -11.68 14.09
N ASP A 345 -8.67 -12.88 13.58
CA ASP A 345 -9.86 -13.13 12.75
C ASP A 345 -11.09 -13.49 13.58
N ARG A 346 -12.26 -13.06 13.14
CA ARG A 346 -13.51 -13.44 13.79
C ARG A 346 -13.70 -14.97 13.81
N LYS A 347 -14.08 -15.51 14.95
CA LYS A 347 -14.38 -16.95 15.08
C LYS A 347 -15.88 -17.20 15.04
N PHE A 348 -16.27 -18.44 14.73
CA PHE A 348 -17.69 -18.84 14.76
C PHE A 348 -18.61 -18.09 13.79
N ALA A 349 -18.09 -17.77 12.60
CA ALA A 349 -18.92 -17.09 11.61
C ALA A 349 -20.02 -18.02 11.09
N GLN A 350 -21.15 -17.45 10.70
CA GLN A 350 -22.25 -18.23 10.14
C GLN A 350 -22.38 -17.93 8.65
N TYR A 351 -22.70 -18.96 7.86
CA TYR A 351 -22.80 -18.84 6.40
C TYR A 351 -24.10 -19.45 5.84
N SER A 352 -24.78 -18.69 4.98
CA SER A 352 -25.88 -19.21 4.18
C SER A 352 -25.31 -20.11 3.10
N ILE A 353 -25.82 -21.33 3.03
CA ILE A 353 -25.40 -22.26 1.99
C ILE A 353 -26.35 -22.15 0.79
N ASN A 355 -27.58 -22.59 -3.31
CA ASN A 355 -27.65 -23.59 -4.37
C ASN A 355 -28.33 -22.92 -5.58
N LEU A 356 -27.66 -22.92 -6.73
CA LEU A 356 -28.17 -22.21 -7.91
C LEU A 356 -29.27 -23.05 -8.56
N GLN A 357 -30.47 -22.48 -8.62
CA GLN A 357 -31.63 -23.18 -9.15
C GLN A 357 -32.36 -22.26 -10.09
N ASN A 358 -32.46 -22.67 -11.35
CA ASN A 358 -33.09 -21.82 -12.36
C ASN A 358 -32.41 -20.46 -12.39
N ARG A 359 -31.10 -20.46 -12.25
CA ARG A 359 -30.30 -19.24 -12.31
C ARG A 359 -30.51 -18.30 -11.12
N LYS A 360 -31.18 -18.79 -10.08
CA LYS A 360 -31.37 -18.01 -8.86
C LYS A 360 -30.68 -18.70 -7.70
N LEU A 361 -29.99 -17.94 -6.86
CA LEU A 361 -29.38 -18.51 -5.66
C LEU A 361 -30.44 -18.85 -4.61
N VAL A 362 -30.51 -20.11 -4.21
CA VAL A 362 -31.49 -20.55 -3.23
C VAL A 362 -30.84 -21.05 -1.95
N GLN A 363 -31.27 -20.51 -0.81
CA GLN A 363 -30.66 -20.91 0.46
C GLN A 363 -31.23 -22.25 0.90
N VAL A 364 -30.35 -23.26 0.99
CA VAL A 364 -30.74 -24.61 1.35
C VAL A 364 -30.25 -25.02 2.74
N GLY A 365 -29.66 -24.08 3.46
CA GLY A 365 -29.23 -24.35 4.82
C GLY A 365 -28.31 -23.28 5.36
N ILE A 366 -27.83 -23.50 6.58
CA ILE A 366 -26.91 -22.59 7.24
C ILE A 366 -25.78 -23.38 7.88
N PHE A 367 -24.55 -22.87 7.79
CA PHE A 367 -23.49 -23.35 8.67
C PHE A 367 -23.49 -22.39 9.84
N ASN A 368 -23.74 -22.90 11.04
CA ASN A 368 -24.08 -22.03 12.16
C ASN A 368 -22.90 -21.70 13.06
N GLY A 369 -21.71 -22.10 12.64
CA GLY A 369 -20.51 -21.86 13.42
C GLY A 369 -19.82 -23.17 13.70
N SER A 370 -20.60 -24.24 13.77
CA SER A 370 -20.04 -25.58 13.96
C SER A 370 -20.69 -26.66 13.10
N TYR A 371 -22.01 -26.59 12.90
CA TYR A 371 -22.72 -27.62 12.14
C TYR A 371 -23.59 -27.12 10.98
N ILE A 372 -23.75 -27.97 9.97
CA ILE A 372 -24.64 -27.66 8.87
C ILE A 372 -26.08 -27.98 9.25
N ILE A 373 -26.92 -26.95 9.24
CA ILE A 373 -28.34 -27.11 9.49
C ILE A 373 -29.13 -26.93 8.20
N GLN A 374 -29.57 -28.04 7.61
CA GLN A 374 -30.40 -27.99 6.40
C GLN A 374 -31.81 -27.47 6.72
N ASN A 375 -32.44 -26.85 5.72
CA ASN A 375 -33.81 -26.36 5.87
C ASN A 375 -34.82 -27.19 5.06
N ASP A 376 -35.97 -26.60 4.72
CA ASP A 376 -37.02 -27.29 3.98
C ASP A 376 -36.77 -27.38 2.47
N ARG A 377 -36.09 -26.38 1.90
CA ARG A 377 -35.77 -26.40 0.47
C ARG A 377 -34.91 -27.62 0.15
N LYS A 378 -35.06 -28.18 -1.04
CA LYS A 378 -34.24 -29.30 -1.47
C LYS A 378 -33.14 -28.82 -2.41
N ILE A 379 -32.00 -29.49 -2.38
CA ILE A 379 -30.89 -29.18 -3.26
C ILE A 379 -31.11 -29.80 -4.65
N ILE A 380 -30.90 -29.00 -5.69
CA ILE A 380 -30.77 -29.55 -7.03
C ILE A 380 -29.28 -29.61 -7.38
N TRP A 381 -28.79 -30.80 -7.65
CA TRP A 381 -27.40 -30.99 -8.04
C TRP A 381 -27.20 -30.69 -9.51
N PRO A 382 -25.93 -30.48 -9.91
CA PRO A 382 -25.69 -30.14 -11.31
C PRO A 382 -26.34 -31.19 -12.21
N GLY A 383 -27.04 -30.74 -13.24
CA GLY A 383 -27.83 -31.64 -14.08
C GLY A 383 -28.87 -32.36 -13.26
N GLY A 384 -29.93 -31.64 -12.87
CA GLY A 384 -30.99 -32.21 -12.07
C GLY A 384 -32.29 -31.44 -12.20
N PRO B 3 34.51 -8.52 16.47
CA PRO B 3 34.12 -7.84 15.23
C PRO B 3 32.66 -8.09 14.91
N LYS B 4 31.80 -7.11 15.20
CA LYS B 4 30.34 -7.24 15.03
C LYS B 4 29.94 -7.34 13.56
N ILE B 5 29.09 -8.31 13.21
CA ILE B 5 28.58 -8.39 11.84
C ILE B 5 27.32 -7.54 11.72
N VAL B 6 27.30 -6.68 10.70
CA VAL B 6 26.17 -5.80 10.44
C VAL B 6 25.64 -6.02 9.02
N ASN B 7 24.42 -6.55 8.90
CA ASN B 7 23.83 -6.79 7.59
C ASN B 7 23.16 -5.54 7.01
N ILE B 8 23.41 -5.31 5.72
CA ILE B 8 22.76 -4.27 4.95
C ILE B 8 21.90 -4.99 3.91
N GLY B 9 20.63 -4.61 3.80
CA GLY B 9 19.74 -5.28 2.87
C GLY B 9 19.52 -4.47 1.61
N ALA B 10 19.05 -5.13 0.54
CA ALA B 10 18.71 -4.45 -0.69
C ALA B 10 17.68 -5.21 -1.49
N VAL B 11 16.76 -4.47 -2.09
CA VAL B 11 15.86 -5.02 -3.08
C VAL B 11 16.21 -4.34 -4.40
N LEU B 12 16.73 -5.09 -5.36
CA LEU B 12 17.29 -4.51 -6.59
C LEU B 12 16.67 -5.10 -7.86
N SER B 13 17.05 -4.56 -9.02
CA SER B 13 16.39 -4.96 -10.27
C SER B 13 16.77 -6.33 -10.77
N THR B 14 18.06 -6.66 -10.73
CA THR B 14 18.59 -7.84 -11.39
C THR B 14 19.70 -8.48 -10.56
N LYS B 15 20.01 -9.74 -10.86
CA LYS B 15 21.13 -10.41 -10.20
C LYS B 15 22.43 -9.67 -10.43
N LYS B 16 22.57 -9.01 -11.59
CA LYS B 16 23.75 -8.21 -11.82
C LYS B 16 23.87 -7.09 -10.79
N HIS B 17 22.77 -6.40 -10.54
CA HIS B 17 22.80 -5.34 -9.52
C HIS B 17 23.10 -5.87 -8.12
N GLU B 18 22.60 -7.05 -7.79
CA GLU B 18 22.97 -7.72 -6.55
C GLU B 18 24.49 -7.89 -6.46
N GLN B 19 25.10 -8.30 -7.56
CA GLN B 19 26.56 -8.47 -7.57
C GLN B 19 27.27 -7.13 -7.33
N ILE B 20 26.78 -6.07 -7.97
CA ILE B 20 27.35 -4.75 -7.77
C ILE B 20 27.23 -4.34 -6.29
N PHE B 21 26.08 -4.67 -5.70
CA PHE B 21 25.82 -4.40 -4.28
C PHE B 21 26.87 -5.07 -3.39
N ARG B 22 27.09 -6.36 -3.60
CA ARG B 22 28.05 -7.14 -2.81
C ARG B 22 29.45 -6.57 -2.93
N GLU B 23 29.86 -6.25 -4.16
CA GLU B 23 31.17 -5.65 -4.37
C GLU B 23 31.27 -4.33 -3.62
N ALA B 24 30.19 -3.55 -3.60
CA ALA B 24 30.18 -2.29 -2.87
C ALA B 24 30.38 -2.51 -1.38
N VAL B 25 29.75 -3.55 -0.85
CA VAL B 25 29.88 -3.83 0.57
C VAL B 25 31.30 -4.31 0.84
N ASN B 26 31.84 -5.12 -0.07
CA ASN B 26 33.23 -5.53 0.03
C ASN B 26 34.15 -4.31 0.11
N GLN B 27 33.94 -3.34 -0.78
CA GLN B 27 34.79 -2.17 -0.80
C GLN B 27 34.68 -1.33 0.48
N ALA B 28 33.47 -1.22 1.02
CA ALA B 28 33.26 -0.47 2.24
C ALA B 28 34.02 -1.10 3.39
N ASN B 29 34.03 -2.42 3.45
CA ASN B 29 34.78 -3.11 4.48
C ASN B 29 36.27 -2.77 4.43
N LYS B 30 36.74 -2.48 3.22
CA LYS B 30 38.16 -2.20 3.04
C LYS B 30 38.50 -0.73 3.30
N ARG B 31 37.50 0.14 3.35
CA ARG B 31 37.74 1.53 3.75
C ARG B 31 37.84 1.67 5.27
N HIS B 32 36.86 1.12 5.99
CA HIS B 32 36.81 1.25 7.44
C HIS B 32 37.54 0.10 8.14
N ILE B 37 33.53 -3.48 13.48
CA ILE B 37 32.32 -3.96 12.80
C ILE B 37 32.58 -4.38 11.36
N GLN B 38 31.92 -5.45 10.94
CA GLN B 38 32.06 -6.02 9.60
C GLN B 38 30.73 -6.03 8.84
N LEU B 39 30.70 -5.41 7.68
CA LEU B 39 29.46 -5.33 6.92
C LEU B 39 29.20 -6.57 6.08
N GLN B 40 27.92 -6.95 5.97
CA GLN B 40 27.52 -8.16 5.28
CA GLN B 40 27.52 -8.16 5.27
C GLN B 40 26.34 -7.85 4.35
N ALA B 41 26.38 -8.36 3.12
CA ALA B 41 25.34 -8.09 2.12
C ALA B 41 24.21 -9.11 2.12
N THR B 42 22.96 -8.64 2.07
CA THR B 42 21.78 -9.49 1.93
C THR B 42 20.80 -8.87 0.92
N SER B 43 20.52 -9.56 -0.17
CA SER B 43 19.71 -8.94 -1.21
C SER B 43 18.70 -9.89 -1.86
N VAL B 44 17.68 -9.30 -2.48
CA VAL B 44 16.74 -10.02 -3.31
C VAL B 44 16.42 -9.09 -4.49
N THR B 45 15.78 -9.63 -5.54
CA THR B 45 15.24 -8.80 -6.62
C THR B 45 13.74 -8.60 -6.34
N HIS B 46 13.07 -7.75 -7.09
CA HIS B 46 11.69 -7.40 -6.81
C HIS B 46 10.75 -8.54 -7.07
N ARG B 47 9.68 -8.61 -6.28
CA ARG B 47 8.59 -9.54 -6.55
C ARG B 47 7.56 -8.84 -7.41
N PRO B 48 6.73 -9.62 -8.13
CA PRO B 48 5.79 -9.07 -9.10
C PRO B 48 4.60 -8.31 -8.49
N ASN B 49 4.27 -8.56 -7.23
CA ASN B 49 3.16 -7.85 -6.58
C ASN B 49 3.47 -7.45 -5.15
N ALA B 50 2.69 -6.52 -4.63
CA ALA B 50 2.97 -5.88 -3.34
C ALA B 50 2.92 -6.89 -2.19
N ILE B 51 2.02 -7.85 -2.26
CA ILE B 51 1.92 -8.84 -1.19
C ILE B 51 3.18 -9.68 -1.14
N GLN B 52 3.60 -10.20 -2.27
CA GLN B 52 4.78 -11.05 -2.28
C GLN B 52 6.02 -10.24 -1.95
N ALA B 54 6.18 -7.62 0.18
CA ALA B 54 6.16 -7.41 1.62
C ALA B 54 6.65 -8.65 2.36
N LEU B 55 6.14 -9.81 1.97
CA LEU B 55 6.51 -11.07 2.61
C LEU B 55 7.99 -11.38 2.39
N SER B 56 8.49 -11.06 1.19
CA SER B 56 9.91 -11.24 0.90
C SER B 56 10.78 -10.37 1.80
N VAL B 57 10.36 -9.13 2.02
CA VAL B 57 11.10 -8.29 2.96
C VAL B 57 11.24 -8.98 4.30
N CYS B 58 10.15 -9.54 4.79
CA CYS B 58 10.21 -10.27 6.05
C CYS B 58 11.07 -11.55 5.98
N GLU B 59 10.79 -12.39 5.00
CA GLU B 59 11.41 -13.70 4.91
C GLU B 59 12.88 -13.66 4.51
N ASP B 60 13.20 -12.79 3.55
CA ASP B 60 14.54 -12.76 2.99
C ASP B 60 15.48 -11.71 3.55
N LEU B 61 14.94 -10.61 4.10
CA LEU B 61 15.81 -9.53 4.58
C LEU B 61 15.81 -9.39 6.10
N ILE B 62 14.62 -9.23 6.69
CA ILE B 62 14.54 -9.01 8.13
C ILE B 62 15.07 -10.23 8.90
N SER B 63 14.96 -11.42 8.31
CA SER B 63 15.50 -12.64 8.92
C SER B 63 17.03 -12.63 9.00
N SER B 64 17.69 -11.69 8.33
CA SER B 64 19.15 -11.52 8.48
C SER B 64 19.51 -10.29 9.32
N GLN B 65 18.52 -9.77 10.04
CA GLN B 65 18.71 -8.58 10.84
C GLN B 65 19.39 -7.49 10.07
N VAL B 66 18.80 -7.05 8.96
CA VAL B 66 19.35 -5.92 8.23
C VAL B 66 19.16 -4.63 9.03
N TYR B 67 20.13 -3.72 8.91
CA TYR B 67 20.11 -2.40 9.55
C TYR B 67 19.50 -1.35 8.62
N ALA B 68 19.41 -1.67 7.35
CA ALA B 68 18.84 -0.74 6.38
C ALA B 68 18.56 -1.53 5.13
N ILE B 69 17.63 -1.01 4.31
CA ILE B 69 17.30 -1.66 3.05
C ILE B 69 17.32 -0.67 1.90
N LEU B 70 18.24 -0.89 0.96
CA LEU B 70 18.26 -0.14 -0.30
C LEU B 70 17.19 -0.68 -1.24
N VAL B 71 16.55 0.21 -1.99
CA VAL B 71 15.49 -0.21 -2.90
C VAL B 71 15.57 0.56 -4.20
N SER B 72 15.72 -0.15 -5.30
CA SER B 72 15.65 0.48 -6.62
C SER B 72 14.18 0.54 -7.04
N HIS B 73 13.84 1.42 -7.96
CA HIS B 73 12.44 1.64 -8.32
C HIS B 73 11.77 0.41 -8.96
N PRO B 74 12.43 -0.18 -9.98
CA PRO B 74 11.88 -1.32 -10.73
C PRO B 74 11.03 -2.30 -9.91
N THR B 82 5.40 1.62 -5.01
CA THR B 82 6.28 0.59 -5.57
C THR B 82 7.43 0.26 -4.60
N PRO B 83 8.20 1.29 -4.19
CA PRO B 83 8.94 1.02 -2.95
C PRO B 83 7.95 0.91 -1.78
N THR B 84 6.68 1.23 -2.03
CA THR B 84 5.68 1.32 -0.97
C THR B 84 5.60 0.11 -0.02
N PRO B 85 5.52 -1.12 -0.59
CA PRO B 85 5.46 -2.29 0.30
C PRO B 85 6.72 -2.38 1.15
N ILE B 86 7.86 -2.05 0.55
CA ILE B 86 9.12 -2.16 1.29
C ILE B 86 9.22 -1.11 2.40
N SER B 87 8.91 0.13 2.06
CA SER B 87 8.90 1.23 3.04
C SER B 87 7.99 0.92 4.22
N TYR B 88 6.78 0.42 3.92
CA TYR B 88 5.82 0.10 4.96
C TYR B 88 6.27 -1.09 5.85
N THR B 89 6.73 -2.17 5.23
CA THR B 89 7.04 -3.39 5.97
C THR B 89 8.24 -3.16 6.89
N ALA B 90 9.27 -2.53 6.34
CA ALA B 90 10.44 -2.17 7.11
C ALA B 90 10.15 -1.03 8.12
N GLY B 91 9.36 -0.04 7.71
CA GLY B 91 9.08 1.11 8.57
C GLY B 91 8.32 0.75 9.84
N PHE B 92 7.53 -0.30 9.74
CA PHE B 92 6.84 -0.84 10.90
C PHE B 92 7.82 -1.11 12.05
N TYR B 93 9.03 -1.56 11.70
CA TYR B 93 10.11 -1.83 12.69
C TYR B 93 11.13 -0.69 12.83
N ARG B 94 10.97 0.38 12.06
CA ARG B 94 11.91 1.52 12.03
C ARG B 94 13.26 1.18 11.38
N ILE B 95 13.24 0.22 10.47
CA ILE B 95 14.43 -0.05 9.66
C ILE B 95 14.44 0.96 8.51
N PRO B 96 15.51 1.77 8.41
CA PRO B 96 15.56 2.77 7.35
C PRO B 96 15.54 2.15 5.96
N VAL B 97 14.78 2.76 5.07
CA VAL B 97 14.68 2.33 3.68
C VAL B 97 15.26 3.43 2.81
N ILE B 98 16.18 3.06 1.93
CA ILE B 98 16.88 4.05 1.12
C ILE B 98 16.55 3.85 -0.32
N GLY B 99 15.72 4.75 -0.86
CA GLY B 99 15.32 4.66 -2.25
C GLY B 99 16.47 5.10 -3.14
N LEU B 100 16.75 4.31 -4.17
CA LEU B 100 17.88 4.60 -5.03
C LEU B 100 17.41 5.33 -6.28
N THR B 101 16.14 5.15 -6.66
CA THR B 101 15.67 5.69 -7.93
C THR B 101 14.22 6.25 -7.96
N THR B 102 13.44 6.05 -6.90
CA THR B 102 12.07 6.53 -6.93
C THR B 102 12.02 8.03 -6.68
N ARG B 103 11.27 8.74 -7.53
CA ARG B 103 11.20 10.19 -7.41
C ARG B 103 9.83 10.74 -7.06
N SER B 105 7.06 12.31 -5.06
CA SER B 105 7.20 13.22 -3.91
C SER B 105 6.54 12.70 -2.61
N ILE B 106 5.54 11.82 -2.73
CA ILE B 106 4.83 11.34 -1.52
C ILE B 106 5.76 10.75 -0.45
N TYR B 107 6.86 10.13 -0.88
CA TYR B 107 7.76 9.53 0.10
C TYR B 107 8.44 10.57 0.99
N SER B 108 8.41 11.84 0.56
CA SER B 108 9.03 12.95 1.30
C SER B 108 8.06 13.61 2.28
N ASP B 109 6.81 13.17 2.25
CA ASP B 109 5.80 13.77 3.12
C ASP B 109 6.22 13.73 4.58
N LYS B 110 5.89 14.77 5.33
CA LYS B 110 6.29 14.85 6.73
C LYS B 110 5.45 14.00 7.69
N SER B 111 4.38 13.40 7.18
CA SER B 111 3.43 12.62 8.02
C SER B 111 3.57 11.11 7.87
N ILE B 112 4.04 10.66 6.71
CA ILE B 112 4.05 9.22 6.43
C ILE B 112 5.40 8.79 5.86
N HIS B 113 5.62 7.48 5.74
CA HIS B 113 6.90 6.95 5.26
C HIS B 113 8.05 7.54 6.05
N LEU B 114 7.90 7.55 7.37
CA LEU B 114 8.89 8.25 8.18
C LEU B 114 10.19 7.45 8.30
N SER B 115 10.22 6.24 7.75
CA SER B 115 11.50 5.52 7.74
C SER B 115 12.23 5.65 6.40
N PHE B 116 11.71 6.47 5.50
CA PHE B 116 12.24 6.51 4.12
C PHE B 116 13.22 7.66 3.91
N LEU B 117 14.32 7.41 3.20
CA LEU B 117 15.17 8.49 2.65
C LEU B 117 15.60 8.05 1.26
N ARG B 118 16.24 8.92 0.48
CA ARG B 118 16.62 8.56 -0.88
C ARG B 118 17.79 9.36 -1.46
N THR B 119 18.54 8.71 -2.36
CA THR B 119 19.74 9.28 -2.98
C THR B 119 19.43 10.04 -4.28
N VAL B 120 18.15 10.15 -4.60
CA VAL B 120 17.69 10.99 -5.68
C VAL B 120 16.66 11.92 -5.07
N PRO B 121 16.49 13.11 -5.66
CA PRO B 121 15.51 14.09 -5.20
C PRO B 121 14.14 13.76 -5.75
N PRO B 122 13.06 14.19 -5.08
CA PRO B 122 11.71 14.03 -5.61
C PRO B 122 11.49 14.95 -6.79
N TYR B 123 10.57 14.57 -7.68
CA TYR B 123 10.24 15.39 -8.85
C TYR B 123 9.96 16.83 -8.46
N SER B 124 9.42 17.03 -7.26
CA SER B 124 9.02 18.38 -6.87
C SER B 124 10.25 19.30 -6.77
N HIS B 125 11.42 18.73 -6.55
CA HIS B 125 12.60 19.56 -6.39
C HIS B 125 13.09 20.19 -7.70
N GLN B 126 12.49 19.76 -8.80
CA GLN B 126 12.77 20.37 -10.10
C GLN B 126 12.43 21.85 -10.06
N ALA B 127 11.56 22.24 -9.14
CA ALA B 127 11.21 23.65 -8.99
C ALA B 127 12.44 24.50 -8.62
N LEU B 128 13.44 23.90 -7.98
CA LEU B 128 14.70 24.58 -7.71
C LEU B 128 15.31 25.09 -9.02
N VAL B 129 15.26 24.24 -10.05
CA VAL B 129 15.86 24.57 -11.34
C VAL B 129 15.01 25.56 -12.13
N TRP B 130 13.70 25.37 -12.11
CA TRP B 130 12.79 26.35 -12.68
C TRP B 130 13.06 27.74 -12.12
N PHE B 131 13.22 27.82 -10.80
CA PHE B 131 13.38 29.09 -10.11
C PHE B 131 14.64 29.81 -10.57
N GLU B 132 15.73 29.06 -10.70
CA GLU B 132 16.99 29.62 -11.18
C GLU B 132 16.91 29.97 -12.67
N ARG B 135 15.34 33.29 -12.84
CA ARG B 135 16.28 34.33 -12.46
C ARG B 135 17.24 34.61 -13.60
N LEU B 136 17.74 33.54 -14.22
CA LEU B 136 18.72 33.67 -15.28
C LEU B 136 18.17 34.46 -16.47
N PHE B 137 16.91 34.18 -16.80
CA PHE B 137 16.29 34.72 -18.01
C PHE B 137 15.28 35.82 -17.72
N ASN B 138 15.25 36.29 -16.47
CA ASN B 138 14.34 37.35 -16.07
C ASN B 138 12.87 37.09 -16.39
N TRP B 139 12.45 35.84 -16.20
CA TRP B 139 11.04 35.51 -16.25
C TRP B 139 10.43 35.87 -14.92
N ASN B 140 9.75 37.01 -14.86
CA ASN B 140 9.19 37.48 -13.61
C ASN B 140 7.69 37.24 -13.55
N HIS B 141 7.12 36.75 -14.64
CA HIS B 141 5.72 36.39 -14.68
C HIS B 141 5.54 35.03 -15.32
N VAL B 142 4.98 34.07 -14.58
CA VAL B 142 4.77 32.74 -15.13
C VAL B 142 3.37 32.21 -14.86
N ILE B 143 3.01 31.19 -15.64
CA ILE B 143 1.77 30.46 -15.43
C ILE B 143 2.16 29.04 -15.05
N LEU B 144 1.67 28.57 -13.90
CA LEU B 144 1.95 27.21 -13.50
C LEU B 144 0.72 26.34 -13.77
N ILE B 145 0.93 25.22 -14.46
CA ILE B 145 -0.14 24.26 -14.73
C ILE B 145 0.30 22.95 -14.11
N VAL B 146 -0.51 22.42 -13.19
CA VAL B 146 -0.15 21.20 -12.49
C VAL B 146 -1.34 20.26 -12.41
N SER B 147 -1.05 18.97 -12.39
CA SER B 147 -2.08 17.98 -12.18
C SER B 147 -2.60 18.14 -10.74
N ASP B 148 -3.91 18.03 -10.57
CA ASP B 148 -4.52 18.13 -9.25
C ASP B 148 -4.41 16.80 -8.52
N ASP B 149 -3.17 16.45 -8.19
CA ASP B 149 -2.89 15.26 -7.39
C ASP B 149 -1.67 15.55 -6.51
N HIS B 150 -1.22 14.55 -5.77
CA HIS B 150 -0.17 14.80 -4.81
C HIS B 150 1.10 15.31 -5.48
N GLU B 151 1.50 14.67 -6.57
CA GLU B 151 2.73 15.05 -7.26
C GLU B 151 2.67 16.49 -7.81
N GLY B 152 1.58 16.83 -8.48
CA GLY B 152 1.42 18.14 -9.09
C GLY B 152 1.34 19.23 -8.04
N ARG B 153 0.54 19.01 -7.00
CA ARG B 153 0.48 19.97 -5.92
C ARG B 153 1.82 20.11 -5.18
N ALA B 154 2.62 19.06 -5.13
CA ALA B 154 3.94 19.19 -4.50
C ALA B 154 4.87 20.10 -5.32
N ALA B 155 4.79 20.00 -6.64
CA ALA B 155 5.63 20.85 -7.48
C ALA B 155 5.21 22.30 -7.29
N GLN B 156 3.90 22.52 -7.26
CA GLN B 156 3.34 23.85 -7.03
C GLN B 156 3.81 24.43 -5.69
N LYS B 157 3.65 23.65 -4.61
CA LYS B 157 4.07 24.13 -3.29
C LYS B 157 5.56 24.47 -3.24
N LYS B 158 6.39 23.61 -3.82
CA LYS B 158 7.83 23.88 -3.80
C LYS B 158 8.21 25.18 -4.56
N LEU B 159 7.57 25.43 -5.70
CA LEU B 159 7.88 26.63 -6.47
C LEU B 159 7.32 27.88 -5.79
N GLU B 160 6.09 27.78 -5.30
CA GLU B 160 5.49 28.88 -4.55
C GLU B 160 6.33 29.25 -3.33
N THR B 161 6.83 28.24 -2.63
CA THR B 161 7.75 28.46 -1.52
C THR B 161 8.98 29.27 -1.94
N LEU B 162 9.66 28.85 -3.01
CA LEU B 162 10.83 29.58 -3.50
C LEU B 162 10.47 31.02 -3.89
N LEU B 163 9.34 31.20 -4.55
CA LEU B 163 8.92 32.53 -4.98
C LEU B 163 8.58 33.47 -3.82
N GLU B 164 7.83 32.97 -2.83
CA GLU B 164 7.49 33.78 -1.66
C GLU B 164 8.76 34.11 -0.87
N GLY B 165 9.70 33.17 -0.83
CA GLY B 165 10.97 33.38 -0.15
C GLY B 165 11.71 34.56 -0.75
N LYS B 166 11.74 34.62 -2.08
CA LYS B 166 12.40 35.71 -2.78
C LYS B 166 11.64 37.03 -2.58
N GLU B 167 10.31 36.98 -2.69
CA GLU B 167 9.51 38.18 -2.48
C GLU B 167 9.73 38.72 -1.07
N SER B 168 9.80 37.83 -0.10
CA SER B 168 9.97 38.20 1.30
C SER B 168 11.30 38.92 1.51
N LYS B 169 12.39 38.37 0.98
CA LYS B 169 13.68 39.04 1.03
C LYS B 169 13.57 40.40 0.37
N SER B 170 12.91 40.43 -0.78
CA SER B 170 12.81 41.65 -1.58
C SER B 170 12.05 42.72 -0.82
N LYS B 171 10.95 42.35 -0.19
CA LYS B 171 10.18 43.29 0.60
C LYS B 171 11.05 43.82 1.73
N LYS B 172 11.74 42.92 2.42
CA LYS B 172 12.65 43.30 3.49
C LYS B 172 13.69 44.32 2.99
N ARG B 173 14.36 43.97 1.89
CA ARG B 173 15.44 44.81 1.36
C ARG B 173 14.98 46.24 1.05
N ASN B 174 13.74 46.37 0.57
CA ASN B 174 13.25 47.66 0.11
C ASN B 174 12.16 48.30 1.00
N TYR B 175 12.10 47.91 2.27
CA TYR B 175 11.04 48.40 3.16
C TYR B 175 11.07 49.92 3.36
N PRO B 189 9.59 38.14 -9.04
CA PRO B 189 9.04 37.04 -9.87
C PRO B 189 7.85 36.39 -9.18
N LYS B 190 6.75 36.26 -9.90
CA LYS B 190 5.55 35.65 -9.35
C LYS B 190 4.92 34.67 -10.31
N ALA B 191 4.12 33.77 -9.77
CA ALA B 191 3.23 32.96 -10.57
C ALA B 191 1.95 33.76 -10.68
N ASP B 192 1.71 34.32 -11.86
CA ASP B 192 0.54 35.16 -12.07
C ASP B 192 -0.71 34.34 -11.85
N LYS B 193 -0.61 33.05 -12.12
CA LYS B 193 -1.76 32.18 -12.01
C LYS B 193 -1.32 30.74 -11.86
N VAL B 194 -2.05 29.99 -11.04
CA VAL B 194 -1.86 28.55 -10.94
C VAL B 194 -3.12 27.86 -11.45
N LEU B 195 -2.96 26.93 -12.38
CA LEU B 195 -4.09 26.19 -12.92
C LEU B 195 -3.91 24.71 -12.63
N GLN B 196 -4.95 24.10 -12.07
CA GLN B 196 -4.88 22.71 -11.65
C GLN B 196 -5.90 21.92 -12.47
N PHE B 197 -5.46 20.84 -13.10
CA PHE B 197 -6.38 20.02 -13.89
C PHE B 197 -6.54 18.64 -13.26
N GLU B 198 -7.73 18.06 -13.43
CA GLU B 198 -8.00 16.72 -12.92
C GLU B 198 -7.16 15.70 -13.68
N PRO B 199 -6.34 14.94 -12.98
CA PRO B 199 -5.49 13.96 -13.64
C PRO B 199 -6.33 13.09 -14.56
N GLY B 200 -5.80 12.80 -15.75
CA GLY B 200 -6.49 11.93 -16.68
C GLY B 200 -7.58 12.58 -17.52
N THR B 201 -7.85 13.86 -17.31
CA THR B 201 -8.85 14.55 -18.11
C THR B 201 -8.28 14.97 -19.46
N LYS B 202 -9.13 14.95 -20.49
CA LYS B 202 -8.71 15.38 -21.82
C LYS B 202 -9.33 16.73 -22.22
N ASN B 203 -10.40 17.14 -21.54
CA ASN B 203 -10.98 18.45 -21.83
C ASN B 203 -10.30 19.53 -21.02
N LEU B 204 -9.24 20.09 -21.61
CA LEU B 204 -8.37 21.05 -20.96
C LEU B 204 -8.57 22.45 -21.52
N THR B 205 -9.49 22.59 -22.47
CA THR B 205 -9.63 23.85 -23.21
C THR B 205 -9.96 25.05 -22.34
N ALA B 206 -10.99 24.92 -21.50
CA ALA B 206 -11.38 26.00 -20.60
C ALA B 206 -10.21 26.40 -19.71
N LEU B 207 -9.44 25.41 -19.26
CA LEU B 207 -8.28 25.70 -18.41
C LEU B 207 -7.20 26.45 -19.19
N LEU B 208 -6.87 25.97 -20.39
CA LEU B 208 -5.82 26.59 -21.19
C LEU B 208 -6.19 27.99 -21.68
N LEU B 209 -7.48 28.21 -21.97
CA LEU B 209 -7.99 29.51 -22.36
C LEU B 209 -7.80 30.55 -21.25
N GLU B 210 -8.02 30.13 -20.00
CA GLU B 210 -7.71 30.97 -18.85
C GLU B 210 -6.25 31.41 -18.90
N ALA B 211 -5.37 30.48 -19.23
CA ALA B 211 -3.95 30.76 -19.35
C ALA B 211 -3.71 31.74 -20.50
N LYS B 212 -4.35 31.48 -21.62
CA LYS B 212 -4.14 32.28 -22.83
C LYS B 212 -4.58 33.73 -22.63
N GLU B 213 -5.62 33.92 -21.83
CA GLU B 213 -6.14 35.26 -21.55
C GLU B 213 -5.13 36.18 -20.85
N LEU B 214 -4.14 35.59 -20.19
CA LEU B 214 -3.21 36.37 -19.37
C LEU B 214 -2.04 36.94 -20.17
N GLU B 215 -1.31 37.87 -19.58
CA GLU B 215 -0.18 38.51 -20.25
C GLU B 215 1.06 37.62 -20.23
N ALA B 216 1.21 36.87 -19.13
CA ALA B 216 2.29 35.90 -18.97
C ALA B 216 2.40 34.96 -20.16
N ARG B 217 3.64 34.62 -20.52
CA ARG B 217 3.90 33.77 -21.69
C ARG B 217 4.87 32.65 -21.36
N VAL B 218 5.30 32.56 -20.11
CA VAL B 218 6.15 31.45 -19.68
C VAL B 218 5.26 30.46 -18.93
N ILE B 219 5.13 29.27 -19.50
CA ILE B 219 4.24 28.23 -18.98
C ILE B 219 5.07 27.16 -18.35
N ILE B 220 4.79 26.87 -17.08
CA ILE B 220 5.46 25.79 -16.36
C ILE B 220 4.47 24.64 -16.11
N LEU B 221 4.91 23.42 -16.36
CA LEU B 221 4.01 22.27 -16.30
C LEU B 221 4.53 21.18 -15.38
N SER B 222 3.65 20.70 -14.50
CA SER B 222 3.95 19.50 -13.76
C SER B 222 2.85 18.49 -14.06
N ALA B 223 3.22 17.36 -14.65
CA ALA B 223 2.24 16.39 -15.11
C ALA B 223 2.89 15.04 -15.38
N SER B 224 2.10 13.96 -15.30
CA SER B 224 2.55 12.65 -15.71
C SER B 224 2.75 12.64 -17.23
N GLU B 225 3.49 11.66 -17.74
CA GLU B 225 3.68 11.53 -19.18
C GLU B 225 2.36 11.66 -19.95
N ASP B 226 1.34 10.93 -19.51
CA ASP B 226 0.08 10.90 -20.24
C ASP B 226 -0.67 12.21 -20.13
N ASP B 227 -0.62 12.83 -18.95
CA ASP B 227 -1.30 14.10 -18.79
C ASP B 227 -0.58 15.22 -19.55
N ALA B 228 0.75 15.18 -19.59
CA ALA B 228 1.51 16.20 -20.33
C ALA B 228 1.13 16.10 -21.80
N THR B 229 1.01 14.86 -22.27
CA THR B 229 0.60 14.62 -23.66
C THR B 229 -0.70 15.35 -23.98
N ALA B 230 -1.72 15.15 -23.17
CA ALA B 230 -3.01 15.81 -23.34
C ALA B 230 -2.89 17.34 -23.32
N VAL B 231 -2.08 17.86 -22.40
CA VAL B 231 -1.88 19.30 -22.32
C VAL B 231 -1.24 19.84 -23.60
N TYR B 232 -0.16 19.20 -24.03
CA TYR B 232 0.54 19.60 -25.26
C TYR B 232 -0.40 19.61 -26.46
N LYS B 233 -1.20 18.57 -26.62
CA LYS B 233 -2.14 18.49 -27.74
C LYS B 233 -3.14 19.62 -27.70
N SER B 234 -3.73 19.83 -26.53
CA SER B 234 -4.71 20.90 -26.35
C SER B 234 -4.11 22.27 -26.58
N ALA B 235 -2.94 22.52 -26.00
CA ALA B 235 -2.30 23.81 -26.16
C ALA B 235 -2.00 24.06 -27.64
N ALA B 236 -1.60 23.01 -28.36
CA ALA B 236 -1.23 23.15 -29.77
C ALA B 236 -2.45 23.56 -30.55
N LEU B 238 -4.72 25.37 -29.69
CA LEU B 238 -5.07 26.76 -29.40
C LEU B 238 -3.92 27.72 -29.71
N ASP B 239 -2.91 27.24 -30.44
CA ASP B 239 -1.76 28.05 -30.81
C ASP B 239 -1.02 28.61 -29.60
N THR B 241 1.78 27.08 -28.37
CA THR B 241 3.04 26.36 -28.35
C THR B 241 4.06 26.87 -29.38
N GLY B 242 3.92 28.12 -29.81
CA GLY B 242 4.80 28.67 -30.82
C GLY B 242 5.50 29.93 -30.38
N ALA B 243 5.77 30.82 -31.33
CA ALA B 243 6.47 32.05 -31.02
C ALA B 243 5.70 32.82 -29.96
N GLY B 244 6.42 33.45 -29.04
CA GLY B 244 5.78 34.21 -27.98
C GLY B 244 5.46 33.39 -26.74
N TYR B 245 5.80 32.11 -26.75
CA TYR B 245 5.59 31.25 -25.58
C TYR B 245 6.87 30.52 -25.18
N VAL B 246 7.04 30.33 -23.87
CA VAL B 246 8.12 29.52 -23.34
C VAL B 246 7.49 28.39 -22.53
N TRP B 247 7.92 27.17 -22.80
CA TRP B 247 7.44 26.00 -22.09
C TRP B 247 8.58 25.44 -21.28
N LEU B 248 8.37 25.38 -19.97
CA LEU B 248 9.40 24.98 -19.03
C LEU B 248 8.81 23.85 -18.21
N VAL B 249 9.53 22.73 -18.17
CA VAL B 249 8.94 21.48 -17.77
C VAL B 249 9.96 20.65 -16.98
N GLY B 250 9.54 19.52 -16.42
CA GLY B 250 10.47 18.61 -15.75
C GLY B 250 10.84 17.44 -16.63
N GLU B 251 11.06 16.29 -16.01
CA GLU B 251 11.55 15.11 -16.72
C GLU B 251 10.43 14.21 -17.24
N ARG B 252 9.39 13.98 -16.45
CA ARG B 252 8.27 13.18 -16.93
C ARG B 252 7.64 13.81 -18.15
N GLU B 253 7.66 15.14 -18.21
CA GLU B 253 6.96 15.86 -19.27
C GLU B 253 7.76 15.90 -20.58
N ILE B 254 8.97 15.37 -20.56
CA ILE B 254 9.70 15.13 -21.80
C ILE B 254 10.13 13.65 -21.92
N SER B 255 9.31 12.75 -21.38
CA SER B 255 9.57 11.32 -21.42
C SER B 255 8.39 10.60 -22.07
N GLY B 256 8.64 9.41 -22.61
CA GLY B 256 7.59 8.60 -23.22
C GLY B 256 6.74 9.33 -24.25
N SER B 257 5.42 9.20 -24.14
CA SER B 257 4.53 9.81 -25.12
C SER B 257 4.59 11.33 -25.05
N ALA B 258 4.94 11.87 -23.88
CA ALA B 258 5.02 13.32 -23.72
C ALA B 258 6.06 13.92 -24.67
N LEU B 259 7.18 13.22 -24.84
CA LEU B 259 8.25 13.69 -25.72
C LEU B 259 7.75 13.72 -27.16
N ARG B 260 6.91 12.75 -27.48
CA ARG B 260 6.40 12.57 -28.83
C ARG B 260 5.54 13.75 -29.25
N TYR B 261 4.90 14.38 -28.26
CA TYR B 261 3.97 15.47 -28.54
C TYR B 261 4.45 16.84 -28.04
N ALA B 262 5.62 16.88 -27.40
CA ALA B 262 6.16 18.12 -26.87
C ALA B 262 6.32 19.14 -27.99
N PRO B 263 6.03 20.42 -27.71
CA PRO B 263 6.25 21.46 -28.71
C PRO B 263 7.74 21.70 -28.91
N ASP B 264 8.15 21.94 -30.16
CA ASP B 264 9.54 22.25 -30.42
C ASP B 264 9.93 23.47 -29.63
N GLY B 265 11.16 23.49 -29.13
CA GLY B 265 11.63 24.60 -28.35
C GLY B 265 11.36 24.45 -26.86
N ILE B 266 10.69 23.38 -26.47
CA ILE B 266 10.42 23.13 -25.05
C ILE B 266 11.74 22.98 -24.29
N ILE B 267 11.70 23.29 -23.01
CA ILE B 267 12.85 23.06 -22.13
C ILE B 267 12.38 22.16 -20.97
N GLY B 268 13.05 21.03 -20.80
CA GLY B 268 12.74 20.10 -19.72
C GLY B 268 14.05 19.70 -19.05
N LEU B 269 13.98 18.73 -18.14
CA LEU B 269 15.14 18.41 -17.33
C LEU B 269 15.36 16.92 -17.32
N GLN B 270 16.61 16.52 -17.13
CA GLN B 270 16.91 15.13 -16.83
C GLN B 270 17.86 15.07 -15.65
N LEU B 271 17.45 14.33 -14.62
CA LEU B 271 18.28 14.15 -13.44
C LEU B 271 19.52 13.37 -13.83
N ILE B 272 20.68 13.92 -13.57
CA ILE B 272 21.91 13.25 -13.99
C ILE B 272 22.19 12.05 -13.08
N ASN B 273 22.44 10.90 -13.72
CA ASN B 273 22.61 9.64 -13.02
C ASN B 273 21.32 9.13 -12.35
N GLY B 274 20.22 9.82 -12.60
CA GLY B 274 18.94 9.49 -11.97
C GLY B 274 18.43 8.09 -12.24
N LYS B 275 18.87 7.50 -13.34
CA LYS B 275 18.41 6.15 -13.66
C LYS B 275 19.57 5.16 -13.62
N ASN B 276 20.69 5.61 -13.07
CA ASN B 276 21.86 4.77 -12.95
C ASN B 276 21.88 3.99 -11.64
N GLU B 277 21.19 2.85 -11.62
CA GLU B 277 21.02 2.06 -10.41
C GLU B 277 22.38 1.64 -9.86
N SER B 278 23.32 1.37 -10.77
CA SER B 278 24.62 0.92 -10.32
C SER B 278 25.33 2.02 -9.55
N ALA B 279 25.24 3.26 -10.02
CA ALA B 279 25.92 4.34 -9.35
C ALA B 279 25.31 4.57 -7.97
N HIS B 280 23.99 4.41 -7.87
CA HIS B 280 23.31 4.69 -6.61
C HIS B 280 23.52 3.58 -5.59
N ILE B 281 23.60 2.34 -6.06
CA ILE B 281 23.99 1.24 -5.20
C ILE B 281 25.33 1.53 -4.53
N SER B 282 26.32 1.95 -5.33
CA SER B 282 27.65 2.23 -4.78
C SER B 282 27.64 3.33 -3.72
N ASP B 283 27.05 4.48 -4.06
CA ASP B 283 26.96 5.61 -3.13
C ASP B 283 26.14 5.31 -1.88
N ALA B 284 25.01 4.63 -2.06
CA ALA B 284 24.16 4.29 -0.92
C ALA B 284 24.92 3.43 0.07
N VAL B 285 25.62 2.41 -0.43
CA VAL B 285 26.42 1.57 0.46
C VAL B 285 27.52 2.35 1.20
N ALA B 286 28.18 3.27 0.49
CA ALA B 286 29.20 4.11 1.13
C ALA B 286 28.60 4.97 2.25
N VAL B 287 27.47 5.60 1.97
CA VAL B 287 26.76 6.38 2.97
C VAL B 287 26.36 5.51 4.17
N VAL B 288 25.81 4.34 3.88
CA VAL B 288 25.36 3.43 4.94
C VAL B 288 26.52 2.95 5.80
N ALA B 289 27.64 2.64 5.17
CA ALA B 289 28.81 2.15 5.89
C ALA B 289 29.30 3.22 6.86
N GLN B 290 29.45 4.44 6.37
CA GLN B 290 29.90 5.56 7.19
C GLN B 290 28.93 5.76 8.35
N ALA B 291 27.64 5.79 8.04
CA ALA B 291 26.64 6.01 9.06
C ALA B 291 26.67 4.92 10.12
N ILE B 292 26.87 3.67 9.70
CA ILE B 292 26.92 2.55 10.65
C ILE B 292 28.10 2.67 11.64
N HIS B 293 29.28 2.96 11.11
CA HIS B 293 30.44 3.20 11.97
C HIS B 293 30.18 4.38 12.91
N GLU B 294 29.56 5.44 12.39
CA GLU B 294 29.19 6.55 13.25
C GLU B 294 28.16 6.17 14.32
N LEU B 295 27.19 5.32 13.96
CA LEU B 295 26.20 4.86 14.92
C LEU B 295 26.91 4.17 16.08
N PHE B 296 27.86 3.30 15.76
CA PHE B 296 28.50 2.48 16.80
C PHE B 296 29.57 3.21 17.62
N GLU B 297 29.74 4.52 17.37
CA GLU B 297 30.53 5.37 18.28
C GLU B 297 29.67 5.76 19.48
N GLU B 299 26.79 4.82 22.58
CA GLU B 299 26.56 3.73 23.53
C GLU B 299 25.19 3.07 23.40
N ASN B 300 25.12 1.79 23.75
CA ASN B 300 23.86 1.05 23.82
C ASN B 300 23.06 1.03 22.52
N ILE B 301 23.70 0.58 21.43
CA ILE B 301 23.01 0.40 20.16
C ILE B 301 22.36 -0.97 20.24
N THR B 302 21.07 -1.06 19.93
CA THR B 302 20.43 -2.37 19.90
C THR B 302 20.46 -2.97 18.50
N ASP B 303 20.19 -4.27 18.43
CA ASP B 303 20.15 -4.98 17.17
C ASP B 303 18.74 -4.90 16.60
N PRO B 304 18.63 -4.86 15.25
CA PRO B 304 17.36 -4.94 14.53
C PRO B 304 16.67 -6.26 14.80
N PRO B 305 15.36 -6.32 14.57
CA PRO B 305 14.64 -7.59 14.72
C PRO B 305 15.21 -8.64 13.79
N ARG B 306 15.13 -9.92 14.18
CA ARG B 306 15.64 -10.97 13.29
C ARG B 306 14.56 -11.76 12.53
N GLY B 307 13.32 -11.37 12.70
CA GLY B 307 12.23 -11.97 11.94
C GLY B 307 10.96 -11.18 12.21
N CYS B 308 9.92 -11.42 11.41
CA CYS B 308 8.65 -10.72 11.55
C CYS B 308 7.60 -11.47 12.34
N VAL B 309 7.61 -12.80 12.28
CA VAL B 309 6.48 -13.57 12.81
C VAL B 309 6.18 -13.24 14.26
N GLY B 310 4.97 -12.74 14.48
CA GLY B 310 4.49 -12.43 15.82
C GLY B 310 5.33 -11.37 16.49
N ASN B 311 6.13 -10.63 15.72
CA ASN B 311 7.04 -9.67 16.34
C ASN B 311 6.50 -8.23 16.23
N THR B 312 6.07 -7.65 17.34
CA THR B 312 5.49 -6.30 17.32
C THR B 312 6.41 -5.22 17.89
N ASN B 313 7.63 -5.61 18.25
CA ASN B 313 8.61 -4.66 18.79
C ASN B 313 9.19 -3.83 17.67
N ILE B 314 9.59 -2.60 17.93
CA ILE B 314 10.38 -1.88 16.95
C ILE B 314 11.84 -2.15 17.20
N TRP B 315 12.66 -1.84 16.20
CA TRP B 315 14.08 -1.69 16.42
C TRP B 315 14.27 -0.33 17.14
N LYS B 316 14.57 -0.38 18.43
CA LYS B 316 14.56 0.84 19.26
C LYS B 316 15.61 1.84 18.82
N THR B 317 16.68 1.35 18.22
CA THR B 317 17.74 2.24 17.72
C THR B 317 17.50 2.65 16.25
N GLY B 318 16.41 2.18 15.65
CA GLY B 318 16.14 2.48 14.26
C GLY B 318 15.96 3.94 13.96
N PRO B 319 15.13 4.63 14.75
CA PRO B 319 14.94 6.06 14.47
C PRO B 319 16.25 6.85 14.59
N LEU B 320 17.07 6.52 15.58
CA LEU B 320 18.38 7.15 15.71
C LEU B 320 19.25 6.90 14.46
N PHE B 321 19.33 5.66 14.03
CA PHE B 321 20.13 5.32 12.86
C PHE B 321 19.63 6.07 11.63
N LYS B 322 18.33 6.22 11.49
CA LYS B 322 17.86 7.08 10.42
C LYS B 322 18.38 8.51 10.53
N ARG B 323 18.37 9.06 11.75
CA ARG B 323 18.84 10.43 11.95
C ARG B 323 20.34 10.52 11.59
N VAL B 324 21.11 9.53 12.03
CA VAL B 324 22.51 9.43 11.65
C VAL B 324 22.67 9.42 10.12
N LEU B 325 21.90 8.58 9.43
CA LEU B 325 22.01 8.50 7.98
C LEU B 325 21.75 9.86 7.34
N SER B 327 21.91 12.84 8.56
CA SER B 327 22.95 13.82 8.92
C SER B 327 24.28 13.48 8.27
N SER B 328 24.31 12.40 7.49
CA SER B 328 25.56 11.96 6.86
C SER B 328 25.96 12.83 5.69
N LYS B 329 27.27 12.98 5.51
CA LYS B 329 27.81 13.67 4.34
C LYS B 329 28.92 12.83 3.72
N TYR B 330 28.79 12.58 2.42
CA TYR B 330 29.79 11.82 1.68
C TYR B 330 30.16 12.62 0.43
N PRO B 331 31.29 13.34 0.52
CA PRO B 331 31.72 14.33 -0.48
C PRO B 331 31.96 13.73 -1.87
N ASP B 332 32.64 12.61 -1.93
CA ASP B 332 33.06 12.04 -3.20
C ASP B 332 32.21 10.84 -3.63
N GLY B 333 30.90 11.05 -3.74
CA GLY B 333 30.05 10.01 -4.27
C GLY B 333 30.18 9.97 -5.78
N VAL B 334 30.04 8.79 -6.36
CA VAL B 334 29.99 8.64 -7.81
C VAL B 334 28.97 9.60 -8.43
N THR B 335 27.89 9.88 -7.69
CA THR B 335 26.81 10.74 -8.20
C THR B 335 27.01 12.17 -7.74
N GLY B 336 28.15 12.45 -7.11
CA GLY B 336 28.43 13.79 -6.63
C GLY B 336 28.35 13.92 -5.12
N ARG B 337 28.14 15.14 -4.66
CA ARG B 337 28.05 15.40 -3.23
C ARG B 337 26.80 14.75 -2.64
N ILE B 338 26.98 13.89 -1.65
CA ILE B 338 25.84 13.25 -1.01
C ILE B 338 25.50 13.89 0.33
N GLU B 339 24.37 14.59 0.37
CA GLU B 339 23.78 15.07 1.61
C GLU B 339 22.27 14.87 1.51
N PHE B 340 21.60 14.80 2.65
CA PHE B 340 20.16 14.66 2.66
C PHE B 340 19.53 15.83 3.42
N ASN B 341 18.36 16.27 2.99
CA ASN B 341 17.66 17.29 3.75
C ASN B 341 16.88 16.69 4.91
N GLU B 342 16.10 17.51 5.60
CA GLU B 342 15.38 17.09 6.80
C GLU B 342 14.25 16.09 6.50
N ASP B 343 13.84 15.99 5.23
CA ASP B 343 12.84 15.01 4.80
C ASP B 343 13.49 13.72 4.27
N GLY B 344 14.81 13.66 4.32
CA GLY B 344 15.51 12.49 3.81
C GLY B 344 15.72 12.51 2.30
N ASP B 345 15.47 13.66 1.68
CA ASP B 345 15.72 13.82 0.24
C ASP B 345 17.14 14.24 -0.12
N ARG B 346 17.65 13.68 -1.21
CA ARG B 346 18.98 14.01 -1.68
C ARG B 346 19.07 15.52 -1.96
N LYS B 347 20.13 16.15 -1.49
CA LYS B 347 20.39 17.55 -1.77
C LYS B 347 21.44 17.65 -2.88
N PHE B 348 21.49 18.79 -3.55
CA PHE B 348 22.57 19.07 -4.49
C PHE B 348 22.59 18.13 -5.69
N ALA B 349 21.41 17.71 -6.15
CA ALA B 349 21.33 16.87 -7.32
C ALA B 349 21.71 17.72 -8.53
N GLN B 350 22.20 17.09 -9.59
CA GLN B 350 22.49 17.84 -10.81
C GLN B 350 21.54 17.44 -11.94
N TYR B 351 21.14 18.42 -12.75
CA TYR B 351 20.22 18.17 -13.85
C TYR B 351 20.78 18.67 -15.18
N SER B 352 20.61 17.88 -16.23
CA SER B 352 20.85 18.37 -17.59
C SER B 352 19.63 19.17 -18.03
N ILE B 353 19.86 20.38 -18.50
CA ILE B 353 18.82 21.21 -19.09
C ILE B 353 18.69 20.89 -20.57
N ASN B 355 16.64 20.85 -24.32
CA ASN B 355 15.88 21.74 -25.18
C ASN B 355 15.57 20.95 -26.46
N LEU B 356 14.31 20.95 -26.88
CA LEU B 356 13.90 20.12 -28.00
C LEU B 356 14.15 20.87 -29.31
N GLN B 357 15.09 20.38 -30.10
CA GLN B 357 15.42 21.01 -31.37
C GLN B 357 15.32 19.96 -32.45
N ASN B 358 14.44 20.19 -33.41
CA ASN B 358 14.24 19.26 -34.51
CA ASN B 358 14.28 19.26 -34.52
C ASN B 358 13.86 17.87 -34.03
N ARG B 359 12.96 17.84 -33.03
CA ARG B 359 12.40 16.59 -32.48
C ARG B 359 13.37 15.77 -31.63
N LYS B 360 14.52 16.35 -31.33
CA LYS B 360 15.50 15.65 -30.50
C LYS B 360 15.83 16.50 -29.28
N LEU B 361 16.13 15.85 -28.16
CA LEU B 361 16.49 16.59 -26.96
C LEU B 361 17.97 16.99 -26.96
N VAL B 362 18.22 18.28 -26.79
CA VAL B 362 19.58 18.78 -26.81
C VAL B 362 19.98 19.45 -25.51
N GLN B 363 21.07 19.00 -24.90
CA GLN B 363 21.58 19.58 -23.67
C GLN B 363 22.16 20.97 -23.92
N VAL B 364 21.56 21.98 -23.30
CA VAL B 364 22.04 23.35 -23.45
C VAL B 364 22.63 23.92 -22.17
N GLY B 365 22.57 23.14 -21.10
CA GLY B 365 23.11 23.58 -19.83
C GLY B 365 23.05 22.50 -18.76
N ILE B 366 23.56 22.84 -17.59
CA ILE B 366 23.47 21.97 -16.42
C ILE B 366 23.07 22.83 -15.24
N PHE B 367 22.25 22.28 -14.35
CA PHE B 367 22.11 22.84 -13.02
C PHE B 367 23.02 21.99 -12.15
N ASN B 368 24.07 22.60 -11.60
CA ASN B 368 25.14 21.82 -10.96
C ASN B 368 24.93 21.61 -9.46
N GLY B 369 23.72 21.87 -9.00
CA GLY B 369 23.43 21.77 -7.58
C GLY B 369 23.14 23.14 -6.99
N SER B 370 23.72 24.17 -7.59
CA SER B 370 23.52 25.54 -7.10
C SER B 370 23.34 26.55 -8.23
N TYR B 371 24.16 26.43 -9.27
CA TYR B 371 24.14 27.39 -10.37
C TYR B 371 23.81 26.73 -11.71
N ILE B 372 23.18 27.49 -12.60
CA ILE B 372 23.02 27.06 -13.99
C ILE B 372 24.25 27.40 -14.81
N ILE B 373 24.84 26.38 -15.43
CA ILE B 373 25.96 26.54 -16.34
C ILE B 373 25.53 26.20 -17.77
N GLN B 374 25.52 27.19 -18.65
CA GLN B 374 25.18 26.96 -20.05
C GLN B 374 26.41 26.50 -20.82
N ASN B 375 26.22 25.78 -21.91
CA ASN B 375 27.34 25.43 -22.79
C ASN B 375 27.33 26.32 -24.03
N ASP B 376 27.94 25.85 -25.12
CA ASP B 376 28.06 26.67 -26.33
C ASP B 376 26.99 26.38 -27.37
N ARG B 377 25.91 25.71 -26.95
CA ARG B 377 24.78 25.44 -27.84
C ARG B 377 23.68 26.47 -27.62
N LYS B 378 23.24 27.11 -28.70
CA LYS B 378 22.16 28.08 -28.61
C LYS B 378 20.82 27.40 -28.33
N ILE B 379 20.09 27.94 -27.36
CA ILE B 379 18.72 27.51 -27.12
C ILE B 379 17.84 27.94 -28.28
N ILE B 380 16.96 27.05 -28.74
CA ILE B 380 15.93 27.42 -29.69
C ILE B 380 14.56 27.44 -29.02
N TRP B 381 13.94 28.61 -28.97
CA TRP B 381 12.67 28.76 -28.29
C TRP B 381 11.51 28.30 -29.16
N PRO B 382 10.34 28.05 -28.54
CA PRO B 382 9.19 27.62 -29.35
C PRO B 382 8.87 28.63 -30.46
N GLY B 383 8.57 28.11 -31.65
CA GLY B 383 8.28 28.98 -32.79
C GLY B 383 9.56 29.36 -33.50
N GLY B 384 10.68 29.20 -32.81
CA GLY B 384 11.99 29.47 -33.40
C GLY B 384 12.33 28.46 -34.48
#